data_2Q9O
#
_entry.id   2Q9O
#
_cell.length_a   173.740
_cell.length_b   61.900
_cell.length_c   124.210
_cell.angle_alpha   90.00
_cell.angle_beta   96.36
_cell.angle_gamma   90.00
#
_symmetry.space_group_name_H-M   'C 1 2 1'
#
loop_
_entity.id
_entity.type
_entity.pdbx_description
1 polymer Laccase-1
2 branched 2-acetamido-2-deoxy-beta-D-glucopyranose-(1-4)-2-acetamido-2-deoxy-beta-D-glucopyranose
3 branched alpha-D-mannopyranose-(1-4)-2-acetamido-2-deoxy-beta-D-glucopyranose-(1-4)-2-acetamido-2-deoxy-beta-D-glucopyranose
4 branched alpha-D-mannopyranose-(1-2)-alpha-D-mannopyranose-(1-3)-alpha-D-mannopyranose-(1-4)-2-acetamido-2-deoxy-beta-D-glucopyranose-(1-4)-2-acetamido-2-deoxy-beta-D-glucopyranose
5 non-polymer 2-acetamido-2-deoxy-beta-D-glucopyranose
6 non-polymer 'COPPER (II) ION'
7 non-polymer 'CHLORIDE ION'
8 non-polymer 'SULFATE ION'
9 non-polymer 'OXYGEN MOLECULE'
10 non-polymer GLYCEROL
11 water water
#
_entity_poly.entity_id   1
_entity_poly.type   'polypeptide(L)'
_entity_poly.pdbx_seq_one_letter_code
;EPTCNTPSNRACWSDGFDINTDYEVSTPDTGVTQSYVFNLTEVDNWMGPDGVVKEKVMLINGNIMGPNIVANWGDTVEVT
VINNLVTNGTSIHWHGI(OHI)QKDTNLHDGANGVTECPIPPKGGQRTYRWRARQYGTSWYHSHFSAQYGNGVVGTIQIN
GPASLPYDIDLGVFPITDYYYRAADDLVHFTQNNAPPFSDNVLINGTAVNPNTGEGQYANVTLTPGKRHRLRILNTSTEN
HFQVSLVNHTMTVIAADMVPVNAMTVDSLFLAVGQRYDVVIDASRAPDNYWFNVTFGGQAACGGSLNPHPAAIFHYAGAP
GGLPTDEGTPPVDHQCLDTLDVRPVVPRSVPVNSFVKRPDNTLPVALDLTGTPLFVWKVNGSDINVDWGKPIIDYILTGN
TSYPVSDNIVQVDAVDQWTYWLIENDPEGPFSLPHPMHLHGHDFLVLGRSPDVPAASQQRFVFDPAVDLARLNGDNPPRR
DTTMLPAGGWLLLAFRTDNPGAWLFHCHIAWHVSGGLSVDFLERPADLRQRISQEDEDDFNRVCDEWRAYWPTNPYPKID
SGL
;
_entity_poly.pdbx_strand_id   A,B
#
# COMPACT_ATOMS: atom_id res chain seq x y z
N GLU A 1 -48.21 -2.98 0.45
CA GLU A 1 -48.50 -2.64 -0.96
C GLU A 1 -48.64 -1.14 -1.14
N PRO A 2 -47.97 -0.54 -2.13
CA PRO A 2 -48.04 0.91 -2.28
C PRO A 2 -49.36 1.32 -2.94
N THR A 3 -49.84 2.54 -2.72
CA THR A 3 -51.02 2.94 -3.51
C THR A 3 -50.78 4.25 -4.23
N CYS A 4 -49.67 4.95 -4.00
CA CYS A 4 -49.45 6.24 -4.67
C CYS A 4 -48.03 6.50 -5.13
N ASN A 5 -47.27 5.42 -5.26
CA ASN A 5 -45.87 5.53 -5.66
C ASN A 5 -45.78 5.50 -7.18
N THR A 6 -45.40 6.63 -7.75
CA THR A 6 -45.37 6.78 -9.19
C THR A 6 -44.02 7.34 -9.61
N PRO A 7 -43.67 7.24 -10.88
CA PRO A 7 -42.43 7.85 -11.37
C PRO A 7 -42.25 9.31 -10.98
N SER A 8 -43.29 10.16 -11.03
CA SER A 8 -43.10 11.57 -10.68
C SER A 8 -43.32 11.88 -9.21
N ASN A 9 -43.80 10.86 -8.48
CA ASN A 9 -43.98 11.01 -7.03
C ASN A 9 -43.54 9.72 -6.34
N ARG A 10 -42.22 9.60 -6.20
CA ARG A 10 -41.69 8.45 -5.49
C ARG A 10 -41.69 8.64 -3.98
N ALA A 11 -41.95 9.86 -3.53
CA ALA A 11 -41.96 10.20 -2.12
C ALA A 11 -43.14 9.56 -1.43
N CYS A 12 -44.21 9.38 -2.18
CA CYS A 12 -45.46 8.78 -1.68
C CYS A 12 -45.42 7.28 -1.65
N TRP A 13 -46.08 6.69 -0.65
CA TRP A 13 -46.14 5.21 -0.65
C TRP A 13 -47.57 4.72 -0.50
N SER A 14 -48.17 4.94 0.68
CA SER A 14 -49.57 4.55 0.90
C SER A 14 -50.16 5.46 1.98
N ASP A 15 -51.44 5.22 2.35
CA ASP A 15 -51.97 6.21 3.32
C ASP A 15 -51.23 6.10 4.64
N GLY A 16 -50.64 7.21 5.09
CA GLY A 16 -49.95 7.24 6.36
C GLY A 16 -48.48 6.95 6.30
N PHE A 17 -47.99 6.68 5.09
CA PHE A 17 -46.63 6.18 4.91
C PHE A 17 -45.94 6.84 3.73
N ASP A 18 -44.88 7.58 3.96
CA ASP A 18 -44.18 8.20 2.84
C ASP A 18 -42.72 8.35 3.19
N ILE A 19 -41.94 9.06 2.37
CA ILE A 19 -40.50 9.19 2.62
C ILE A 19 -40.14 9.95 3.88
N ASN A 20 -41.12 10.68 4.42
CA ASN A 20 -40.85 11.42 5.64
C ASN A 20 -41.30 10.70 6.91
N THR A 21 -42.03 9.60 6.77
CA THR A 21 -42.39 8.75 7.91
C THR A 21 -41.15 8.29 8.63
N ASP A 22 -41.18 8.32 9.95
CA ASP A 22 -40.06 7.76 10.70
C ASP A 22 -40.18 6.25 10.68
N TYR A 23 -39.52 5.61 9.71
CA TYR A 23 -39.69 4.16 9.52
C TYR A 23 -39.16 3.35 10.69
N GLU A 24 -38.36 3.99 11.56
CA GLU A 24 -37.80 3.18 12.66
C GLU A 24 -38.84 2.88 13.73
N VAL A 25 -39.92 3.68 13.69
CA VAL A 25 -40.94 3.49 14.71
C VAL A 25 -42.32 3.26 14.10
N SER A 26 -42.52 3.48 12.81
CA SER A 26 -43.85 3.28 12.21
C SER A 26 -43.71 2.41 10.98
N THR A 27 -44.50 1.33 10.90
CA THR A 27 -44.40 0.30 9.85
C THR A 27 -45.77 0.00 9.23
N PRO A 28 -45.90 -0.09 7.92
CA PRO A 28 -47.16 -0.47 7.31
C PRO A 28 -47.59 -1.86 7.76
N ASP A 29 -48.89 -1.95 8.05
CA ASP A 29 -49.38 -3.29 8.37
C ASP A 29 -49.93 -3.93 7.11
N THR A 30 -49.14 -4.66 6.34
CA THR A 30 -49.64 -5.17 5.07
C THR A 30 -50.32 -6.54 5.16
N GLY A 31 -49.98 -7.32 6.19
CA GLY A 31 -50.53 -8.66 6.33
C GLY A 31 -49.92 -9.61 5.32
N VAL A 32 -48.94 -9.19 4.52
CA VAL A 32 -48.38 -10.07 3.48
C VAL A 32 -47.06 -10.71 3.91
N THR A 33 -46.85 -11.96 3.51
CA THR A 33 -45.62 -12.70 3.72
C THR A 33 -45.05 -13.13 2.37
N GLN A 34 -43.76 -12.88 2.20
CA GLN A 34 -42.99 -13.29 1.04
C GLN A 34 -42.08 -14.41 1.56
N SER A 35 -42.21 -15.61 1.01
CA SER A 35 -41.44 -16.73 1.55
C SER A 35 -40.50 -17.26 0.48
N TYR A 36 -39.39 -17.82 0.96
CA TYR A 36 -38.32 -18.37 0.14
C TYR A 36 -37.78 -19.65 0.79
N VAL A 37 -37.21 -20.53 -0.01
CA VAL A 37 -36.55 -21.71 0.53
C VAL A 37 -35.14 -21.70 -0.04
N PHE A 38 -34.16 -21.70 0.82
CA PHE A 38 -32.76 -21.73 0.45
C PHE A 38 -32.21 -23.13 0.70
N ASN A 39 -31.82 -23.78 -0.39
CA ASN A 39 -31.15 -25.07 -0.28
C ASN A 39 -29.67 -24.91 -0.54
N LEU A 40 -28.85 -25.15 0.48
CA LEU A 40 -27.40 -24.91 0.38
C LEU A 40 -26.71 -26.18 -0.02
N THR A 41 -25.94 -26.13 -1.12
CA THR A 41 -25.25 -27.34 -1.55
C THR A 41 -23.75 -27.05 -1.73
N GLU A 42 -22.99 -28.13 -1.66
CA GLU A 42 -21.52 -28.01 -1.78
C GLU A 42 -21.16 -28.60 -3.14
N VAL A 43 -20.56 -27.79 -3.97
CA VAL A 43 -20.24 -28.20 -5.33
C VAL A 43 -18.74 -28.11 -5.57
N ASP A 44 -18.12 -29.23 -6.00
CA ASP A 44 -16.71 -29.26 -6.31
C ASP A 44 -16.50 -29.04 -7.79
N ASN A 45 -15.35 -28.43 -8.09
CA ASN A 45 -14.99 -28.26 -9.50
C ASN A 45 -16.09 -27.59 -10.29
N TRP A 46 -16.47 -26.44 -9.79
CA TRP A 46 -17.51 -25.57 -10.34
C TRP A 46 -16.92 -24.53 -11.26
N MET A 47 -17.49 -24.48 -12.45
CA MET A 47 -17.06 -23.51 -13.43
C MET A 47 -17.69 -22.15 -13.18
N GLY A 48 -16.87 -21.18 -12.82
CA GLY A 48 -17.37 -19.84 -12.54
C GLY A 48 -17.51 -18.99 -13.79
N PRO A 49 -18.01 -17.77 -13.57
CA PRO A 49 -18.36 -16.90 -14.70
C PRO A 49 -17.21 -16.33 -15.48
N ASP A 50 -15.98 -16.42 -14.98
CA ASP A 50 -14.88 -15.94 -15.82
C ASP A 50 -14.13 -17.15 -16.43
N GLY A 51 -14.76 -18.30 -16.34
CA GLY A 51 -14.26 -19.49 -17.04
C GLY A 51 -13.37 -20.33 -16.17
N VAL A 52 -12.79 -19.82 -15.09
CA VAL A 52 -11.93 -20.59 -14.20
C VAL A 52 -12.80 -21.53 -13.36
N VAL A 53 -12.39 -22.80 -13.24
CA VAL A 53 -13.06 -23.78 -12.39
C VAL A 53 -12.51 -23.68 -10.97
N LYS A 54 -13.44 -23.52 -10.02
CA LYS A 54 -13.07 -23.40 -8.62
C LYS A 54 -13.14 -24.76 -7.93
N GLU A 55 -12.13 -24.98 -7.09
CA GLU A 55 -12.12 -26.23 -6.33
C GLU A 55 -13.41 -26.56 -5.59
N LYS A 56 -14.00 -25.58 -4.90
CA LYS A 56 -15.21 -25.88 -4.11
C LYS A 56 -15.99 -24.60 -3.87
N VAL A 57 -17.30 -24.66 -4.05
CA VAL A 57 -18.20 -23.54 -3.74
C VAL A 57 -19.39 -24.11 -2.93
N MET A 58 -20.11 -23.16 -2.32
CA MET A 58 -21.23 -23.47 -1.45
C MET A 58 -22.36 -22.56 -1.90
N LEU A 59 -23.36 -23.16 -2.54
CA LEU A 59 -24.29 -22.38 -3.35
C LEU A 59 -25.69 -22.46 -2.75
N ILE A 60 -26.45 -21.37 -2.92
CA ILE A 60 -27.85 -21.38 -2.58
C ILE A 60 -28.64 -21.64 -3.86
N ASN A 61 -29.42 -22.70 -3.86
CA ASN A 61 -30.34 -23.04 -4.98
C ASN A 61 -29.53 -23.12 -6.26
N GLY A 62 -28.29 -23.60 -6.16
CA GLY A 62 -27.54 -23.94 -7.37
C GLY A 62 -26.95 -22.80 -8.16
N ASN A 63 -26.99 -21.55 -7.68
CA ASN A 63 -26.46 -20.43 -8.46
C ASN A 63 -25.39 -19.69 -7.66
N ILE A 64 -24.68 -18.81 -8.36
CA ILE A 64 -23.56 -18.11 -7.74
C ILE A 64 -23.99 -17.26 -6.56
N MET A 65 -25.21 -16.74 -6.56
CA MET A 65 -25.79 -16.08 -5.40
C MET A 65 -27.20 -16.62 -5.15
N GLY A 66 -27.70 -16.37 -3.96
CA GLY A 66 -29.06 -16.78 -3.64
C GLY A 66 -30.06 -15.89 -4.34
N PRO A 67 -31.32 -16.22 -4.17
CA PRO A 67 -32.36 -15.43 -4.86
C PRO A 67 -32.38 -14.01 -4.33
N ASN A 68 -32.75 -13.04 -5.16
CA ASN A 68 -32.93 -11.65 -4.77
C ASN A 68 -34.20 -11.60 -3.92
N ILE A 69 -34.11 -11.42 -2.63
CA ILE A 69 -35.35 -11.29 -1.86
C ILE A 69 -36.02 -9.98 -2.21
N VAL A 70 -37.34 -9.98 -2.37
CA VAL A 70 -38.09 -8.78 -2.74
C VAL A 70 -39.40 -8.81 -1.96
N ALA A 71 -39.69 -7.72 -1.28
CA ALA A 71 -40.97 -7.58 -0.59
C ALA A 71 -41.30 -6.09 -0.50
N ASN A 72 -42.46 -5.75 0.00
CA ASN A 72 -42.75 -4.35 0.29
C ASN A 72 -42.54 -4.01 1.76
N TRP A 73 -42.31 -2.71 1.97
CA TRP A 73 -42.23 -2.14 3.32
C TRP A 73 -43.43 -2.60 4.13
N GLY A 74 -43.18 -3.21 5.27
CA GLY A 74 -44.17 -3.73 6.15
C GLY A 74 -44.54 -5.16 5.95
N ASP A 75 -44.14 -5.79 4.87
CA ASP A 75 -44.34 -7.23 4.73
C ASP A 75 -43.50 -7.97 5.79
N THR A 76 -43.80 -9.26 5.90
CA THR A 76 -42.91 -10.18 6.58
C THR A 76 -42.16 -10.99 5.55
N VAL A 77 -40.86 -11.21 5.77
CA VAL A 77 -40.07 -12.08 4.91
C VAL A 77 -39.76 -13.33 5.73
N GLU A 78 -39.93 -14.49 5.05
CA GLU A 78 -39.74 -15.76 5.72
C GLU A 78 -38.85 -16.63 4.84
N VAL A 79 -37.77 -17.17 5.40
CA VAL A 79 -36.82 -17.94 4.60
C VAL A 79 -36.54 -19.26 5.32
N THR A 80 -36.91 -20.39 4.71
CA THR A 80 -36.50 -21.68 5.26
C THR A 80 -35.10 -22.00 4.72
N VAL A 81 -34.15 -22.21 5.59
CA VAL A 81 -32.79 -22.52 5.15
C VAL A 81 -32.54 -24.00 5.43
N ILE A 82 -32.22 -24.72 4.36
CA ILE A 82 -31.91 -26.14 4.42
C ILE A 82 -30.46 -26.35 4.07
N ASN A 83 -29.70 -26.82 5.06
CA ASN A 83 -28.28 -26.92 4.94
C ASN A 83 -27.90 -28.32 4.41
N ASN A 84 -27.61 -28.43 3.12
CA ASN A 84 -27.14 -29.69 2.52
C ASN A 84 -25.66 -29.66 2.25
N LEU A 85 -24.93 -28.81 2.94
CA LEU A 85 -23.47 -28.87 2.89
C LEU A 85 -22.99 -30.18 3.49
N VAL A 86 -21.72 -30.54 3.26
CA VAL A 86 -21.20 -31.82 3.71
C VAL A 86 -20.80 -31.76 5.16
N THR A 87 -20.04 -30.72 5.54
CA THR A 87 -19.61 -30.67 6.92
C THR A 87 -19.99 -29.38 7.66
N ASN A 88 -20.05 -28.27 6.93
CA ASN A 88 -20.25 -27.02 7.66
C ASN A 88 -21.65 -26.83 8.24
N GLY A 89 -21.74 -26.17 9.40
CA GLY A 89 -23.01 -25.58 9.79
C GLY A 89 -23.22 -24.36 8.91
N THR A 90 -24.38 -23.72 9.12
CA THR A 90 -24.57 -22.45 8.43
C THR A 90 -25.45 -21.56 9.30
N SER A 91 -25.39 -20.25 9.13
CA SER A 91 -26.33 -19.33 9.76
C SER A 91 -26.51 -18.18 8.78
N ILE A 92 -27.68 -17.76 8.37
CA ILE A 92 -27.80 -16.64 7.45
C ILE A 92 -28.19 -15.37 8.18
N HIS A 93 -27.36 -14.36 8.04
CA HIS A 93 -27.56 -13.04 8.62
C HIS A 93 -28.09 -12.09 7.56
N TRP A 94 -29.09 -11.31 7.93
CA TRP A 94 -29.82 -10.40 7.04
C TRP A 94 -29.20 -9.02 7.33
N HIS A 95 -28.18 -8.70 6.50
CA HIS A 95 -27.38 -7.53 6.81
C HIS A 95 -28.16 -6.25 6.46
N GLY A 96 -28.36 -5.39 7.46
CA GLY A 96 -29.09 -4.14 7.22
C GLY A 96 -30.51 -4.25 7.76
N ILE A 97 -30.92 -5.46 8.12
CA ILE A 97 -32.24 -5.65 8.69
C ILE A 97 -32.09 -5.65 10.19
N GLN A 99 -33.94 -6.33 12.77
CA GLN A 99 -34.45 -7.38 13.65
C GLN A 99 -35.00 -6.78 14.96
N LYS A 100 -35.77 -5.72 14.86
CA LYS A 100 -36.32 -5.09 16.09
C LYS A 100 -37.16 -6.06 16.88
N ASP A 101 -36.72 -6.40 18.07
CA ASP A 101 -37.29 -7.42 18.94
C ASP A 101 -37.42 -8.79 18.26
N THR A 102 -36.58 -9.08 17.29
CA THR A 102 -36.45 -10.42 16.72
C THR A 102 -34.97 -10.84 16.67
N ASN A 103 -34.21 -10.54 17.72
CA ASN A 103 -32.77 -10.88 17.75
C ASN A 103 -32.47 -12.32 17.38
N LEU A 104 -33.35 -13.25 17.77
CA LEU A 104 -33.05 -14.66 17.50
C LEU A 104 -33.15 -14.98 16.02
N HIS A 105 -33.55 -14.06 15.16
CA HIS A 105 -33.54 -14.32 13.71
C HIS A 105 -32.37 -13.60 13.04
N ASP A 106 -31.44 -13.06 13.85
CA ASP A 106 -30.33 -12.31 13.23
C ASP A 106 -29.35 -13.17 12.49
N GLY A 107 -29.27 -14.49 12.76
CA GLY A 107 -28.38 -15.36 11.98
C GLY A 107 -26.92 -15.27 12.41
N ALA A 108 -26.63 -14.85 13.64
CA ALA A 108 -25.27 -14.74 14.14
C ALA A 108 -24.95 -15.97 14.98
N ASN A 109 -24.40 -16.99 14.30
CA ASN A 109 -24.11 -18.23 15.02
C ASN A 109 -23.12 -17.96 16.17
N GLY A 110 -23.39 -18.64 17.30
CA GLY A 110 -22.61 -18.38 18.51
C GLY A 110 -23.13 -17.18 19.30
N VAL A 111 -24.04 -16.40 18.72
CA VAL A 111 -24.59 -15.23 19.44
C VAL A 111 -26.09 -15.44 19.58
N THR A 112 -26.78 -15.49 18.44
CA THR A 112 -28.24 -15.56 18.46
C THR A 112 -28.77 -16.96 18.15
N GLU A 113 -27.90 -17.88 17.80
CA GLU A 113 -28.34 -19.22 17.38
C GLU A 113 -27.14 -20.13 17.34
N CYS A 114 -27.37 -21.44 17.37
CA CYS A 114 -26.34 -22.39 16.97
C CYS A 114 -26.41 -22.51 15.45
N PRO A 115 -25.36 -22.95 14.78
CA PRO A 115 -25.44 -23.20 13.34
C PRO A 115 -26.44 -24.31 12.99
N ILE A 116 -27.08 -24.14 11.84
CA ILE A 116 -27.91 -25.24 11.33
C ILE A 116 -26.99 -26.37 10.89
N PRO A 117 -27.16 -27.60 11.36
CA PRO A 117 -26.24 -28.66 10.96
C PRO A 117 -26.38 -29.06 9.49
N PRO A 118 -25.31 -29.66 9.00
CA PRO A 118 -25.26 -30.07 7.61
C PRO A 118 -26.08 -31.33 7.33
N LYS A 119 -26.00 -31.76 6.07
CA LYS A 119 -26.68 -32.99 5.68
C LYS A 119 -28.17 -32.91 6.00
N GLY A 120 -28.76 -31.74 5.87
CA GLY A 120 -30.21 -31.64 5.85
C GLY A 120 -30.78 -30.87 7.03
N GLY A 121 -29.96 -30.29 7.91
CA GLY A 121 -30.54 -29.46 8.98
C GLY A 121 -31.38 -28.33 8.38
N GLN A 122 -32.34 -27.79 9.12
CA GLN A 122 -33.12 -26.69 8.63
C GLN A 122 -33.65 -25.81 9.77
N ARG A 123 -33.86 -24.58 9.41
CA ARG A 123 -34.45 -23.57 10.28
C ARG A 123 -35.15 -22.57 9.41
N THR A 124 -36.24 -22.02 9.86
CA THR A 124 -36.92 -20.98 9.15
C THR A 124 -36.74 -19.64 9.86
N TYR A 125 -36.25 -18.65 9.11
CA TYR A 125 -36.08 -17.31 9.64
C TYR A 125 -37.30 -16.48 9.27
N ARG A 126 -37.69 -15.58 10.16
CA ARG A 126 -38.88 -14.77 9.86
C ARG A 126 -38.61 -13.38 10.42
N TRP A 127 -38.74 -12.34 9.58
CA TRP A 127 -38.47 -11.00 10.09
C TRP A 127 -39.38 -10.00 9.41
N ARG A 128 -39.60 -8.89 10.11
CA ARG A 128 -40.48 -7.87 9.56
C ARG A 128 -39.69 -6.87 8.72
N ALA A 129 -40.23 -6.53 7.54
CA ALA A 129 -39.57 -5.49 6.76
C ALA A 129 -39.96 -4.11 7.27
N ARG A 130 -39.25 -3.59 8.27
CA ARG A 130 -39.47 -2.29 8.89
C ARG A 130 -38.58 -1.16 8.32
N GLN A 131 -37.96 -1.47 7.21
N GLN A 131 -37.93 -1.45 7.21
N GLN A 131 -37.93 -1.43 7.21
CA GLN A 131 -37.10 -0.49 6.55
CA GLN A 131 -36.94 -0.66 6.52
CA GLN A 131 -37.04 -0.48 6.55
C GLN A 131 -37.39 -0.74 5.08
C GLN A 131 -36.98 -0.88 5.01
C GLN A 131 -36.93 -0.83 5.07
N TYR A 132 -37.04 0.18 4.22
CA TYR A 132 -37.07 -0.05 2.77
C TYR A 132 -35.74 0.43 2.18
N GLY A 133 -35.34 -0.28 1.13
CA GLY A 133 -34.07 -0.05 0.51
C GLY A 133 -33.42 -1.35 0.07
N THR A 134 -32.08 -1.21 0.01
CA THR A 134 -31.26 -2.28 -0.54
C THR A 134 -30.36 -2.85 0.56
N SER A 135 -30.46 -4.15 0.81
CA SER A 135 -29.60 -4.78 1.81
C SER A 135 -29.14 -6.10 1.22
N TRP A 136 -28.59 -6.98 2.05
CA TRP A 136 -28.06 -8.24 1.53
C TRP A 136 -28.05 -9.26 2.67
N TYR A 137 -27.83 -10.52 2.33
CA TYR A 137 -27.75 -11.56 3.34
C TYR A 137 -26.50 -12.40 3.05
N HIS A 138 -25.96 -13.05 4.07
CA HIS A 138 -24.80 -13.89 3.88
C HIS A 138 -24.63 -14.82 5.07
N SER A 139 -23.93 -15.91 4.87
CA SER A 139 -23.59 -16.76 6.02
C SER A 139 -22.76 -15.99 7.04
N HIS A 140 -22.93 -16.37 8.32
CA HIS A 140 -21.98 -15.89 9.32
C HIS A 140 -21.17 -17.03 9.90
N PHE A 141 -21.13 -18.19 9.26
CA PHE A 141 -20.32 -19.31 9.73
C PHE A 141 -18.88 -19.16 9.28
N SER A 142 -18.05 -18.60 10.16
CA SER A 142 -16.71 -18.18 9.75
C SER A 142 -16.75 -17.44 8.43
N ALA A 143 -15.90 -17.74 7.45
CA ALA A 143 -15.90 -16.99 6.21
C ALA A 143 -16.70 -17.68 5.10
N GLN A 144 -17.66 -18.51 5.46
CA GLN A 144 -18.43 -19.30 4.48
C GLN A 144 -19.02 -18.45 3.36
N TYR A 145 -19.41 -17.19 3.62
CA TYR A 145 -20.08 -16.47 2.52
C TYR A 145 -19.15 -16.22 1.35
N GLY A 146 -17.83 -16.27 1.60
CA GLY A 146 -16.86 -16.16 0.49
C GLY A 146 -16.91 -17.39 -0.43
N ASN A 147 -17.64 -18.46 -0.03
CA ASN A 147 -17.80 -19.59 -0.93
C ASN A 147 -19.09 -19.52 -1.73
N GLY A 148 -19.99 -18.56 -1.52
CA GLY A 148 -21.17 -18.35 -2.31
C GLY A 148 -22.44 -18.22 -1.50
N VAL A 149 -22.39 -18.36 -0.19
CA VAL A 149 -23.63 -18.24 0.59
C VAL A 149 -23.96 -16.76 0.85
N VAL A 150 -24.55 -16.12 -0.14
CA VAL A 150 -24.71 -14.67 -0.19
C VAL A 150 -25.82 -14.34 -1.17
N GLY A 151 -26.55 -13.26 -0.91
CA GLY A 151 -27.51 -12.78 -1.90
C GLY A 151 -28.02 -11.40 -1.48
N THR A 152 -29.00 -10.90 -2.22
CA THR A 152 -29.45 -9.51 -2.02
C THR A 152 -30.88 -9.41 -1.48
N ILE A 153 -31.18 -8.22 -0.95
CA ILE A 153 -32.54 -7.94 -0.45
C ILE A 153 -33.01 -6.61 -1.02
N GLN A 154 -34.21 -6.59 -1.57
CA GLN A 154 -34.75 -5.32 -2.05
C GLN A 154 -36.11 -5.15 -1.38
N ILE A 155 -36.22 -4.23 -0.47
CA ILE A 155 -37.52 -3.99 0.16
C ILE A 155 -38.03 -2.70 -0.48
N ASN A 156 -39.14 -2.79 -1.21
CA ASN A 156 -39.63 -1.62 -1.92
C ASN A 156 -40.32 -0.65 -0.95
N GLY A 157 -40.21 0.64 -1.31
CA GLY A 157 -40.81 1.71 -0.52
C GLY A 157 -40.60 3.02 -1.28
N PRO A 158 -40.84 4.14 -0.58
CA PRO A 158 -40.71 5.45 -1.20
C PRO A 158 -39.23 5.80 -1.41
N ALA A 159 -39.00 6.90 -2.13
CA ALA A 159 -37.64 7.37 -2.37
C ALA A 159 -37.60 8.89 -2.34
N SER A 160 -36.41 9.44 -2.21
CA SER A 160 -36.12 10.85 -2.08
C SER A 160 -35.96 11.56 -3.43
N LEU A 161 -36.10 10.83 -4.53
CA LEU A 161 -36.13 11.52 -5.83
C LEU A 161 -37.07 10.78 -6.77
N PRO A 162 -37.75 11.49 -7.68
CA PRO A 162 -38.51 10.81 -8.72
C PRO A 162 -37.53 10.03 -9.61
N TYR A 163 -38.00 8.91 -10.15
CA TYR A 163 -37.19 8.23 -11.17
C TYR A 163 -38.15 7.39 -11.99
N ASP A 164 -37.81 7.02 -13.23
CA ASP A 164 -38.73 6.24 -14.05
C ASP A 164 -38.61 4.74 -13.93
N ILE A 165 -37.39 4.23 -13.81
CA ILE A 165 -37.12 2.81 -13.94
C ILE A 165 -36.23 2.34 -12.79
N ASP A 166 -36.63 1.27 -12.13
CA ASP A 166 -35.82 0.64 -11.08
C ASP A 166 -35.06 -0.49 -11.72
N LEU A 167 -33.76 -0.32 -11.97
CA LEU A 167 -32.90 -1.32 -12.57
C LEU A 167 -32.63 -2.49 -11.63
N GLY A 168 -32.96 -2.34 -10.36
CA GLY A 168 -32.73 -3.46 -9.43
C GLY A 168 -31.30 -3.50 -8.91
N VAL A 169 -30.96 -4.66 -8.37
CA VAL A 169 -29.73 -4.81 -7.60
C VAL A 169 -28.53 -4.98 -8.54
N PHE A 170 -27.41 -4.50 -7.99
CA PHE A 170 -26.15 -4.51 -8.76
C PHE A 170 -25.03 -4.79 -7.78
N PRO A 171 -24.99 -6.05 -7.33
CA PRO A 171 -23.93 -6.43 -6.37
C PRO A 171 -22.59 -6.55 -7.06
N ILE A 172 -21.58 -5.99 -6.42
CA ILE A 172 -20.20 -6.05 -6.88
C ILE A 172 -19.38 -6.79 -5.82
N THR A 173 -18.56 -7.76 -6.26
CA THR A 173 -17.86 -8.52 -5.23
C THR A 173 -16.48 -8.95 -5.70
N ASP A 174 -15.54 -8.95 -4.76
CA ASP A 174 -14.29 -9.61 -5.07
C ASP A 174 -14.56 -11.11 -5.32
N TYR A 175 -13.61 -11.73 -6.00
CA TYR A 175 -13.79 -13.14 -6.41
C TYR A 175 -12.44 -13.79 -6.31
N TYR A 176 -12.35 -14.87 -5.52
CA TYR A 176 -11.10 -15.60 -5.33
C TYR A 176 -11.29 -17.01 -5.85
N TYR A 177 -10.29 -17.59 -6.52
CA TYR A 177 -10.45 -18.98 -6.93
C TYR A 177 -10.24 -19.89 -5.75
N ARG A 178 -9.41 -19.51 -4.77
CA ARG A 178 -9.26 -20.32 -3.57
C ARG A 178 -10.50 -20.24 -2.69
N ALA A 179 -10.76 -21.33 -1.95
CA ALA A 179 -11.95 -21.37 -1.11
C ALA A 179 -11.71 -20.60 0.19
N ALA A 180 -12.84 -20.22 0.81
CA ALA A 180 -12.80 -19.34 1.98
C ALA A 180 -11.98 -19.89 3.13
N ASP A 181 -12.16 -21.15 3.53
CA ASP A 181 -11.37 -21.63 4.66
C ASP A 181 -9.88 -21.65 4.37
N ASP A 182 -9.51 -21.90 3.12
CA ASP A 182 -8.11 -21.86 2.72
C ASP A 182 -7.59 -20.42 2.85
N LEU A 183 -8.41 -19.44 2.42
CA LEU A 183 -7.97 -18.05 2.51
C LEU A 183 -7.95 -17.65 3.98
N VAL A 184 -8.86 -18.16 4.81
CA VAL A 184 -8.71 -17.78 6.22
C VAL A 184 -7.40 -18.31 6.79
N HIS A 185 -7.10 -19.57 6.50
CA HIS A 185 -5.81 -20.13 6.95
C HIS A 185 -4.63 -19.33 6.48
N PHE A 186 -4.66 -18.90 5.23
CA PHE A 186 -3.59 -18.18 4.58
C PHE A 186 -3.36 -16.83 5.31
N THR A 187 -4.48 -16.09 5.44
CA THR A 187 -4.41 -14.76 6.06
C THR A 187 -4.10 -14.80 7.55
N GLN A 188 -4.20 -15.95 8.24
CA GLN A 188 -3.67 -16.03 9.60
C GLN A 188 -2.19 -15.70 9.67
N ASN A 189 -1.40 -15.92 8.64
CA ASN A 189 0.04 -15.77 8.77
C ASN A 189 0.61 -15.00 7.59
N ASN A 190 -0.24 -14.44 6.71
CA ASN A 190 0.23 -13.75 5.49
C ASN A 190 -0.72 -12.59 5.17
N ALA A 191 -0.21 -11.54 4.55
CA ALA A 191 -1.06 -10.46 4.10
C ALA A 191 -2.07 -11.02 3.09
N PRO A 192 -3.26 -10.47 3.13
CA PRO A 192 -4.31 -10.99 2.21
C PRO A 192 -3.98 -10.69 0.74
N PRO A 193 -4.43 -11.61 -0.13
CA PRO A 193 -4.17 -11.50 -1.57
C PRO A 193 -5.06 -10.47 -2.22
N PHE A 194 -4.62 -9.96 -3.38
CA PHE A 194 -5.54 -9.27 -4.26
C PHE A 194 -6.58 -10.28 -4.71
N SER A 195 -7.78 -9.79 -5.04
CA SER A 195 -8.79 -10.69 -5.60
C SER A 195 -8.38 -11.19 -6.98
N ASP A 196 -8.83 -12.40 -7.37
CA ASP A 196 -8.51 -12.82 -8.74
C ASP A 196 -9.35 -12.06 -9.75
N ASN A 197 -10.56 -11.67 -9.38
CA ASN A 197 -11.40 -10.89 -10.29
C ASN A 197 -12.37 -10.08 -9.43
N VAL A 198 -13.12 -9.23 -10.07
CA VAL A 198 -14.23 -8.52 -9.42
C VAL A 198 -15.45 -8.79 -10.31
N LEU A 199 -16.45 -9.43 -9.69
CA LEU A 199 -17.67 -9.69 -10.41
C LEU A 199 -18.65 -8.54 -10.24
N ILE A 200 -19.34 -8.21 -11.31
CA ILE A 200 -20.37 -7.17 -11.28
C ILE A 200 -21.68 -7.85 -11.68
N ASN A 201 -22.67 -7.86 -10.80
CA ASN A 201 -23.89 -8.60 -11.04
C ASN A 201 -23.60 -10.02 -11.51
N GLY A 202 -22.61 -10.64 -10.89
CA GLY A 202 -22.37 -12.05 -11.12
C GLY A 202 -21.47 -12.40 -12.25
N THR A 203 -20.89 -11.40 -12.97
CA THR A 203 -20.06 -11.79 -14.12
C THR A 203 -18.88 -10.87 -14.30
N ALA A 204 -17.89 -11.34 -15.05
CA ALA A 204 -16.70 -10.54 -15.33
C ALA A 204 -15.94 -11.26 -16.46
N VAL A 205 -15.00 -10.58 -17.08
CA VAL A 205 -14.17 -11.15 -18.14
C VAL A 205 -12.88 -11.53 -17.48
N ASN A 206 -12.30 -12.68 -17.81
CA ASN A 206 -11.04 -13.12 -17.23
C ASN A 206 -9.94 -12.26 -17.86
N PRO A 207 -9.16 -11.55 -17.06
CA PRO A 207 -8.18 -10.62 -17.62
C PRO A 207 -7.12 -11.44 -18.37
N ASN A 208 -6.99 -12.72 -18.07
CA ASN A 208 -5.97 -13.54 -18.71
C ASN A 208 -6.35 -14.24 -20.01
N THR A 209 -7.53 -14.82 -20.11
CA THR A 209 -7.97 -15.61 -21.25
C THR A 209 -9.02 -14.91 -22.10
N GLY A 210 -9.66 -13.87 -21.59
CA GLY A 210 -10.74 -13.22 -22.28
C GLY A 210 -12.06 -13.96 -22.13
N GLU A 211 -12.12 -15.07 -21.38
CA GLU A 211 -13.43 -15.67 -21.17
C GLU A 211 -14.29 -14.89 -20.18
N GLY A 212 -15.57 -15.15 -20.30
CA GLY A 212 -16.60 -14.53 -19.47
C GLY A 212 -17.32 -13.43 -20.23
N GLN A 213 -18.03 -12.59 -19.49
CA GLN A 213 -18.77 -11.51 -20.12
C GLN A 213 -18.81 -10.32 -19.17
N TYR A 214 -18.88 -9.15 -19.76
CA TYR A 214 -19.13 -7.96 -18.94
C TYR A 214 -20.60 -7.90 -18.55
N ALA A 215 -20.90 -7.50 -17.31
CA ALA A 215 -22.30 -7.16 -17.02
C ALA A 215 -22.71 -6.06 -18.00
N ASN A 216 -23.95 -6.13 -18.45
CA ASN A 216 -24.48 -5.29 -19.52
C ASN A 216 -25.83 -4.72 -19.08
N VAL A 217 -25.87 -3.44 -18.72
CA VAL A 217 -27.01 -2.71 -18.23
C VAL A 217 -27.59 -1.86 -19.36
N THR A 218 -28.84 -2.11 -19.75
CA THR A 218 -29.44 -1.27 -20.79
C THR A 218 -30.23 -0.10 -20.21
N LEU A 219 -29.76 1.10 -20.58
CA LEU A 219 -30.38 2.35 -20.17
C LEU A 219 -31.41 2.77 -21.21
N THR A 220 -32.56 3.26 -20.79
CA THR A 220 -33.57 3.79 -21.72
C THR A 220 -33.27 5.26 -21.93
N PRO A 221 -32.93 5.71 -23.13
CA PRO A 221 -32.55 7.11 -23.33
C PRO A 221 -33.55 8.12 -22.81
N GLY A 222 -33.08 9.16 -22.10
CA GLY A 222 -34.02 10.19 -21.65
C GLY A 222 -34.68 9.83 -20.33
N LYS A 223 -34.29 8.74 -19.71
CA LYS A 223 -35.01 8.33 -18.49
C LYS A 223 -34.07 8.32 -17.29
N ARG A 224 -34.71 8.35 -16.14
CA ARG A 224 -34.02 8.37 -14.86
C ARG A 224 -34.05 6.96 -14.29
N HIS A 225 -32.87 6.43 -13.92
CA HIS A 225 -32.86 5.03 -13.52
C HIS A 225 -32.31 4.86 -12.11
N ARG A 226 -33.01 4.10 -11.28
CA ARG A 226 -32.45 3.77 -9.95
C ARG A 226 -31.58 2.54 -10.11
N LEU A 227 -30.36 2.60 -9.56
CA LEU A 227 -29.42 1.50 -9.58
C LEU A 227 -29.04 1.22 -8.13
N ARG A 228 -29.20 -0.03 -7.72
CA ARG A 228 -28.95 -0.37 -6.32
C ARG A 228 -27.59 -1.04 -6.17
N ILE A 229 -26.57 -0.23 -5.89
CA ILE A 229 -25.22 -0.82 -5.92
C ILE A 229 -24.86 -1.42 -4.55
N LEU A 230 -24.31 -2.62 -4.53
CA LEU A 230 -23.85 -3.23 -3.28
C LEU A 230 -22.37 -3.64 -3.41
N ASN A 231 -21.67 -3.64 -2.27
CA ASN A 231 -20.38 -4.28 -2.19
C ASN A 231 -20.57 -5.49 -1.25
N THR A 232 -20.65 -6.67 -1.85
CA THR A 232 -20.82 -7.91 -1.06
C THR A 232 -19.54 -8.71 -0.90
N SER A 233 -18.42 -8.03 -1.03
CA SER A 233 -17.11 -8.69 -0.92
C SER A 233 -16.75 -9.30 0.42
N THR A 234 -15.66 -10.10 0.41
CA THR A 234 -15.06 -10.50 1.66
C THR A 234 -13.95 -9.52 2.10
N GLU A 235 -13.30 -8.82 1.15
CA GLU A 235 -12.27 -7.85 1.57
C GLU A 235 -12.23 -6.61 0.70
N ASN A 236 -12.46 -6.69 -0.63
CA ASN A 236 -12.20 -5.54 -1.48
C ASN A 236 -13.14 -4.37 -1.20
N HIS A 237 -12.58 -3.16 -1.16
CA HIS A 237 -13.33 -1.93 -1.04
C HIS A 237 -13.25 -1.22 -2.40
N PHE A 238 -14.36 -0.82 -2.96
CA PHE A 238 -14.42 -0.38 -4.35
C PHE A 238 -14.69 1.10 -4.56
N GLN A 239 -14.14 1.65 -5.62
CA GLN A 239 -14.62 2.95 -6.11
C GLN A 239 -15.40 2.63 -7.37
N VAL A 240 -16.53 3.28 -7.55
CA VAL A 240 -17.27 3.05 -8.80
C VAL A 240 -17.53 4.39 -9.49
N SER A 241 -17.54 4.34 -10.80
CA SER A 241 -17.80 5.51 -11.64
C SER A 241 -18.34 5.03 -12.98
N LEU A 242 -19.16 5.88 -13.61
CA LEU A 242 -19.71 5.61 -14.93
C LEU A 242 -19.19 6.69 -15.88
N VAL A 243 -18.49 6.27 -16.93
CA VAL A 243 -17.88 7.28 -17.82
C VAL A 243 -18.94 8.26 -18.33
N ASN A 244 -18.67 9.56 -18.22
CA ASN A 244 -19.50 10.63 -18.75
C ASN A 244 -20.85 10.77 -18.08
N HIS A 245 -21.03 10.09 -16.93
CA HIS A 245 -22.26 10.30 -16.20
C HIS A 245 -22.03 10.57 -14.74
N THR A 246 -22.82 11.43 -14.11
CA THR A 246 -22.84 11.47 -12.66
C THR A 246 -23.81 10.43 -12.09
N MET A 247 -23.76 10.25 -10.77
CA MET A 247 -24.71 9.42 -10.04
C MET A 247 -25.34 10.24 -8.93
N THR A 248 -26.64 10.19 -8.77
CA THR A 248 -27.22 10.93 -7.64
C THR A 248 -27.64 9.98 -6.52
N VAL A 249 -26.95 10.07 -5.39
CA VAL A 249 -27.28 9.20 -4.24
C VAL A 249 -28.65 9.55 -3.65
N ILE A 250 -29.46 8.48 -3.49
CA ILE A 250 -30.75 8.68 -2.79
C ILE A 250 -30.89 7.80 -1.56
N ALA A 251 -29.94 6.87 -1.34
CA ALA A 251 -29.91 6.11 -0.08
C ALA A 251 -28.47 5.61 0.16
N ALA A 252 -28.15 5.49 1.45
CA ALA A 252 -26.85 4.96 1.90
C ALA A 252 -27.17 3.76 2.78
N ASP A 253 -26.65 2.59 2.48
CA ASP A 253 -27.09 1.35 3.13
C ASP A 253 -28.62 1.32 3.06
N MET A 254 -29.33 1.12 4.17
N MET A 254 -29.27 1.09 4.19
CA MET A 254 -30.79 1.05 3.97
CA MET A 254 -30.73 1.02 4.21
C MET A 254 -31.50 2.31 4.44
C MET A 254 -31.37 2.29 4.73
N VAL A 255 -30.79 3.45 4.38
CA VAL A 255 -31.27 4.73 4.90
C VAL A 255 -31.44 5.74 3.78
N PRO A 256 -32.66 6.14 3.45
CA PRO A 256 -32.82 7.21 2.46
C PRO A 256 -32.14 8.51 2.86
N VAL A 257 -31.49 9.12 1.86
CA VAL A 257 -30.85 10.39 2.11
C VAL A 257 -31.29 11.42 1.07
N ASN A 258 -31.11 12.70 1.41
CA ASN A 258 -31.40 13.75 0.45
C ASN A 258 -30.52 13.57 -0.78
N ALA A 259 -31.02 13.89 -1.96
CA ALA A 259 -30.26 13.62 -3.19
C ALA A 259 -28.90 14.25 -3.15
N MET A 260 -27.86 13.55 -3.60
CA MET A 260 -26.50 14.09 -3.54
C MET A 260 -25.76 13.61 -4.79
N THR A 261 -25.47 14.51 -5.71
CA THR A 261 -24.85 14.11 -6.97
C THR A 261 -23.35 14.09 -6.88
N VAL A 262 -22.78 13.00 -7.39
CA VAL A 262 -21.34 12.76 -7.29
C VAL A 262 -20.80 12.21 -8.61
N ASP A 263 -19.49 12.28 -8.78
CA ASP A 263 -18.90 11.69 -9.99
C ASP A 263 -18.46 10.25 -9.75
N SER A 264 -18.18 9.91 -8.49
CA SER A 264 -17.75 8.52 -8.18
C SER A 264 -18.09 8.23 -6.73
N LEU A 265 -18.17 6.94 -6.35
CA LEU A 265 -18.56 6.55 -5.02
C LEU A 265 -17.61 5.50 -4.47
N PHE A 266 -17.35 5.61 -3.19
CA PHE A 266 -16.58 4.58 -2.48
C PHE A 266 -17.58 3.72 -1.71
N LEU A 267 -17.49 2.40 -1.94
CA LEU A 267 -18.25 1.44 -1.18
C LEU A 267 -17.36 0.52 -0.35
N ALA A 268 -17.44 0.64 0.97
CA ALA A 268 -16.81 -0.31 1.88
C ALA A 268 -17.49 -1.69 1.77
N VAL A 269 -16.75 -2.71 2.22
CA VAL A 269 -17.35 -4.03 2.31
C VAL A 269 -18.67 -3.93 3.10
N GLY A 270 -19.74 -4.41 2.45
CA GLY A 270 -21.02 -4.37 3.15
C GLY A 270 -21.85 -3.13 2.92
N GLN A 271 -21.28 -2.10 2.30
CA GLN A 271 -22.06 -0.88 2.04
C GLN A 271 -22.90 -0.98 0.78
N ARG A 272 -23.98 -0.21 0.77
CA ARG A 272 -24.81 -0.04 -0.41
C ARG A 272 -25.03 1.44 -0.68
N TYR A 273 -25.22 1.76 -1.95
CA TYR A 273 -25.78 3.04 -2.32
C TYR A 273 -26.84 2.85 -3.39
N ASP A 274 -27.98 3.52 -3.22
CA ASP A 274 -29.00 3.63 -4.27
C ASP A 274 -28.69 4.90 -5.01
N VAL A 275 -28.55 4.81 -6.33
CA VAL A 275 -28.29 6.03 -7.08
C VAL A 275 -29.28 6.16 -8.22
N VAL A 276 -29.39 7.40 -8.70
CA VAL A 276 -30.26 7.66 -9.86
C VAL A 276 -29.30 8.13 -10.97
N ILE A 277 -29.40 7.44 -12.12
CA ILE A 277 -28.63 7.82 -13.29
C ILE A 277 -29.58 8.30 -14.37
N ASP A 278 -29.29 9.46 -14.89
CA ASP A 278 -30.01 10.08 -15.99
C ASP A 278 -29.29 9.74 -17.29
N ALA A 279 -30.07 9.07 -18.13
CA ALA A 279 -29.49 8.72 -19.44
C ALA A 279 -29.57 9.95 -20.35
N SER A 280 -28.76 10.96 -20.01
CA SER A 280 -28.86 12.28 -20.63
C SER A 280 -27.78 12.50 -21.67
N ARG A 281 -26.89 11.54 -21.85
CA ARG A 281 -25.79 11.72 -22.78
C ARG A 281 -26.09 11.10 -24.14
N ALA A 282 -25.13 11.26 -25.05
CA ALA A 282 -25.34 10.68 -26.38
C ALA A 282 -25.49 9.17 -26.26
N PRO A 283 -26.41 8.57 -27.00
CA PRO A 283 -26.61 7.12 -26.96
C PRO A 283 -25.30 6.44 -27.40
N ASP A 284 -24.84 5.50 -26.59
CA ASP A 284 -23.53 4.87 -26.79
C ASP A 284 -23.38 3.78 -25.72
N ASN A 285 -22.24 3.14 -25.72
CA ASN A 285 -21.89 2.20 -24.65
C ASN A 285 -20.90 2.90 -23.75
N TYR A 286 -21.20 2.89 -22.43
CA TYR A 286 -20.27 3.51 -21.49
C TYR A 286 -19.68 2.54 -20.50
N TRP A 287 -18.40 2.65 -20.14
CA TRP A 287 -17.91 1.76 -19.08
C TRP A 287 -18.36 2.25 -17.69
N PHE A 288 -18.79 1.28 -16.87
CA PHE A 288 -18.87 1.41 -15.42
C PHE A 288 -17.59 0.82 -14.84
N ASN A 289 -16.74 1.61 -14.24
CA ASN A 289 -15.46 1.15 -13.76
C ASN A 289 -15.45 0.91 -12.26
N VAL A 290 -14.81 -0.18 -11.88
CA VAL A 290 -14.45 -0.44 -10.49
C VAL A 290 -12.98 -0.11 -10.36
N THR A 291 -12.65 0.79 -9.44
CA THR A 291 -11.24 1.15 -9.25
C THR A 291 -10.92 1.04 -7.76
N PHE A 292 -9.64 1.04 -7.47
CA PHE A 292 -9.13 1.02 -6.11
C PHE A 292 -8.35 2.29 -5.81
N GLY A 293 -8.51 2.77 -4.58
CA GLY A 293 -7.80 3.93 -4.09
C GLY A 293 -7.08 3.53 -2.81
N GLY A 294 -6.55 4.55 -2.10
CA GLY A 294 -5.96 4.19 -0.82
C GLY A 294 -4.69 3.38 -0.85
N GLN A 295 -3.99 3.43 -1.97
CA GLN A 295 -2.71 2.71 -2.17
C GLN A 295 -2.77 1.27 -1.69
N ALA A 296 -3.82 0.56 -2.13
CA ALA A 296 -4.00 -0.86 -1.79
C ALA A 296 -4.38 -1.11 -0.35
N ALA A 297 -4.59 -0.06 0.46
CA ALA A 297 -4.83 -0.32 1.87
C ALA A 297 -6.15 -1.01 2.17
N CYS A 298 -7.04 -0.96 1.22
CA CYS A 298 -8.32 -1.64 1.42
C CYS A 298 -8.68 -2.49 0.20
N GLY A 299 -7.61 -3.04 -0.39
CA GLY A 299 -7.82 -4.08 -1.39
C GLY A 299 -7.30 -3.75 -2.77
N GLY A 300 -7.20 -4.80 -3.58
CA GLY A 300 -6.87 -4.65 -5.01
C GLY A 300 -7.33 -5.91 -5.74
N SER A 301 -7.27 -5.82 -7.07
CA SER A 301 -7.61 -7.00 -7.86
C SER A 301 -6.52 -7.29 -8.88
N LEU A 302 -6.31 -8.57 -9.17
CA LEU A 302 -5.41 -8.93 -10.24
C LEU A 302 -6.04 -8.68 -11.60
N ASN A 303 -7.35 -8.45 -11.70
CA ASN A 303 -7.94 -7.85 -12.89
C ASN A 303 -7.67 -6.36 -12.80
N PRO A 304 -6.83 -5.79 -13.67
CA PRO A 304 -6.50 -4.38 -13.48
C PRO A 304 -7.65 -3.47 -13.82
N HIS A 305 -8.67 -3.93 -14.54
CA HIS A 305 -9.74 -3.00 -14.91
C HIS A 305 -11.11 -3.67 -14.92
N PRO A 306 -11.62 -4.05 -13.75
CA PRO A 306 -12.95 -4.66 -13.69
C PRO A 306 -13.98 -3.59 -14.09
N ALA A 307 -14.97 -4.02 -14.88
CA ALA A 307 -15.91 -3.06 -15.45
C ALA A 307 -17.19 -3.74 -15.91
N ALA A 308 -18.22 -2.90 -16.12
CA ALA A 308 -19.48 -3.29 -16.71
C ALA A 308 -19.76 -2.37 -17.89
N ILE A 309 -20.74 -2.72 -18.71
CA ILE A 309 -21.17 -1.85 -19.81
C ILE A 309 -22.59 -1.30 -19.55
N PHE A 310 -22.75 0.01 -19.69
CA PHE A 310 -24.04 0.67 -19.71
C PHE A 310 -24.32 1.01 -21.18
N HIS A 311 -25.32 0.31 -21.71
CA HIS A 311 -25.66 0.38 -23.12
C HIS A 311 -26.92 1.19 -23.30
N TYR A 312 -26.88 2.30 -24.04
CA TYR A 312 -28.14 2.99 -24.31
C TYR A 312 -28.96 2.20 -25.35
N ALA A 313 -30.22 1.91 -25.03
CA ALA A 313 -31.02 1.11 -25.96
C ALA A 313 -31.02 1.77 -27.33
N GLY A 314 -30.88 0.96 -28.38
CA GLY A 314 -30.97 1.56 -29.72
C GLY A 314 -29.61 1.95 -30.23
N ALA A 315 -28.61 2.04 -29.33
CA ALA A 315 -27.24 2.35 -29.76
C ALA A 315 -26.59 1.09 -30.34
N PRO A 316 -25.45 1.19 -31.01
CA PRO A 316 -24.75 -0.01 -31.45
C PRO A 316 -24.43 -0.97 -30.28
N GLY A 317 -24.10 -2.20 -30.60
CA GLY A 317 -23.51 -3.18 -29.69
C GLY A 317 -22.03 -2.91 -29.57
N GLY A 318 -21.31 -3.88 -29.01
CA GLY A 318 -19.88 -3.65 -28.88
C GLY A 318 -19.51 -3.07 -27.54
N LEU A 319 -18.21 -2.93 -27.36
CA LEU A 319 -17.56 -2.47 -26.15
C LEU A 319 -17.47 -0.95 -26.21
N PRO A 320 -17.59 -0.30 -25.06
CA PRO A 320 -17.31 1.14 -24.98
C PRO A 320 -15.90 1.43 -25.53
N THR A 321 -15.74 2.62 -26.10
CA THR A 321 -14.47 3.02 -26.67
C THR A 321 -13.80 4.13 -25.91
N ASP A 322 -14.50 4.73 -24.94
CA ASP A 322 -13.84 5.79 -24.17
C ASP A 322 -13.37 5.28 -22.81
N GLU A 323 -12.06 5.26 -22.59
CA GLU A 323 -11.61 4.68 -21.31
C GLU A 323 -11.88 5.62 -20.15
N GLY A 324 -12.31 6.85 -20.39
CA GLY A 324 -12.65 7.78 -19.33
C GLY A 324 -11.45 8.18 -18.51
N THR A 325 -11.66 8.91 -17.42
CA THR A 325 -10.52 9.30 -16.56
C THR A 325 -10.72 8.72 -15.16
N PRO A 326 -9.62 8.49 -14.47
CA PRO A 326 -9.65 7.78 -13.20
C PRO A 326 -10.40 8.64 -12.18
N PRO A 327 -11.17 8.09 -11.24
CA PRO A 327 -11.88 9.00 -10.31
C PRO A 327 -10.90 9.46 -9.25
N VAL A 328 -11.33 10.45 -8.48
CA VAL A 328 -10.54 10.89 -7.36
C VAL A 328 -10.27 9.68 -6.46
N ASP A 329 -9.12 9.67 -5.81
CA ASP A 329 -8.73 8.65 -4.86
C ASP A 329 -9.52 8.89 -3.57
N HIS A 330 -10.42 7.99 -3.23
CA HIS A 330 -11.22 8.12 -2.02
C HIS A 330 -10.48 7.71 -0.76
N GLN A 331 -9.24 7.22 -0.88
CA GLN A 331 -8.40 6.88 0.26
C GLN A 331 -9.08 6.00 1.29
N CYS A 332 -9.85 4.99 0.83
CA CYS A 332 -10.43 4.01 1.72
C CYS A 332 -11.37 4.64 2.75
N LEU A 333 -12.05 5.68 2.31
CA LEU A 333 -12.98 6.39 3.18
C LEU A 333 -14.33 6.59 2.48
N ASP A 334 -15.40 6.30 3.20
CA ASP A 334 -16.73 6.67 2.73
C ASP A 334 -17.04 8.14 3.02
N THR A 335 -18.00 8.68 2.28
CA THR A 335 -18.32 10.10 2.38
C THR A 335 -19.17 10.35 3.63
N LEU A 336 -18.82 11.42 4.34
CA LEU A 336 -19.66 11.80 5.48
C LEU A 336 -20.61 12.93 5.10
N ASP A 337 -20.85 13.13 3.79
CA ASP A 337 -21.69 14.25 3.36
C ASP A 337 -23.15 13.87 3.15
N VAL A 338 -23.47 12.59 3.26
CA VAL A 338 -24.86 12.17 3.05
C VAL A 338 -25.69 12.60 4.26
N ARG A 339 -26.96 12.93 4.03
CA ARG A 339 -27.85 13.46 5.05
C ARG A 339 -29.20 12.74 5.00
N PRO A 340 -29.53 11.93 6.00
CA PRO A 340 -30.83 11.25 6.01
C PRO A 340 -32.01 12.19 5.84
N VAL A 341 -32.98 11.64 5.09
CA VAL A 341 -34.24 12.37 4.94
C VAL A 341 -34.97 12.50 6.27
N VAL A 342 -35.08 11.40 7.02
CA VAL A 342 -35.62 11.44 8.37
C VAL A 342 -34.47 11.75 9.31
N PRO A 343 -34.45 12.91 9.94
CA PRO A 343 -33.25 13.32 10.68
C PRO A 343 -33.14 12.78 12.11
N ARG A 344 -31.89 12.83 12.57
CA ARG A 344 -31.61 12.56 13.99
C ARG A 344 -30.75 13.72 14.50
N SER A 345 -30.91 14.04 15.76
CA SER A 345 -30.09 15.09 16.37
C SER A 345 -29.54 14.58 17.68
N VAL A 346 -28.24 14.62 17.95
CA VAL A 346 -27.72 14.23 19.26
C VAL A 346 -26.63 15.21 19.69
N PRO A 347 -26.46 15.38 20.97
CA PRO A 347 -25.38 16.28 21.43
C PRO A 347 -24.05 15.58 21.27
N VAL A 348 -23.06 16.38 20.89
CA VAL A 348 -21.69 15.89 20.82
C VAL A 348 -20.79 16.65 21.78
N ASN A 349 -21.26 17.79 22.29
CA ASN A 349 -20.44 18.63 23.17
C ASN A 349 -20.12 17.96 24.49
N SER A 350 -20.96 17.04 24.92
CA SER A 350 -20.80 16.40 26.20
C SER A 350 -20.03 15.08 26.15
N PHE A 351 -19.58 14.67 24.96
CA PHE A 351 -18.84 13.42 24.95
C PHE A 351 -17.55 13.48 25.77
N VAL A 352 -17.34 12.48 26.64
CA VAL A 352 -16.07 12.30 27.33
C VAL A 352 -15.53 10.89 27.09
N LYS A 353 -14.32 10.77 26.59
CA LYS A 353 -13.70 9.45 26.35
C LYS A 353 -13.43 8.77 27.68
N ARG A 354 -13.90 7.55 27.88
CA ARG A 354 -13.69 6.75 29.08
C ARG A 354 -13.42 5.28 28.69
N PRO A 355 -12.79 4.47 29.51
CA PRO A 355 -12.60 3.05 29.14
C PRO A 355 -13.91 2.40 28.73
N ASP A 356 -15.01 2.75 29.44
CA ASP A 356 -16.23 2.03 29.15
C ASP A 356 -16.96 2.53 27.90
N ASN A 357 -16.44 3.51 27.19
CA ASN A 357 -17.03 3.84 25.88
C ASN A 357 -15.98 3.76 24.78
N THR A 358 -14.82 3.18 25.05
CA THR A 358 -13.71 3.18 24.09
C THR A 358 -13.41 1.74 23.68
N LEU A 359 -13.26 1.53 22.37
CA LEU A 359 -12.99 0.21 21.80
C LEU A 359 -11.66 0.28 21.04
N PRO A 360 -10.56 -0.04 21.70
CA PRO A 360 -9.26 -0.06 21.04
C PRO A 360 -9.04 -1.33 20.22
N VAL A 361 -8.79 -1.11 18.95
CA VAL A 361 -8.51 -2.20 18.01
C VAL A 361 -7.02 -2.38 17.93
N ALA A 362 -6.45 -3.57 18.01
CA ALA A 362 -5.01 -3.70 17.95
C ALA A 362 -4.69 -5.03 17.23
N LEU A 363 -3.69 -4.98 16.39
CA LEU A 363 -3.15 -6.22 15.82
C LEU A 363 -2.09 -6.77 16.74
N ASP A 364 -2.26 -8.05 17.12
CA ASP A 364 -1.28 -8.67 18.01
C ASP A 364 -0.49 -9.67 17.22
N LEU A 365 0.81 -9.40 17.16
CA LEU A 365 1.73 -10.20 16.36
C LEU A 365 2.45 -11.21 17.24
N THR A 366 2.12 -11.29 18.53
CA THR A 366 3.04 -11.97 19.43
C THR A 366 2.72 -13.42 19.69
N GLY A 367 1.64 -13.95 19.09
CA GLY A 367 1.28 -15.30 19.43
C GLY A 367 1.19 -16.15 18.17
N THR A 368 0.28 -17.11 18.22
CA THR A 368 0.02 -18.01 17.10
C THR A 368 -1.47 -17.98 16.85
N PRO A 369 -1.97 -17.81 15.64
CA PRO A 369 -1.19 -17.43 14.46
C PRO A 369 -0.65 -16.01 14.56
N LEU A 370 0.09 -15.61 13.53
CA LEU A 370 0.73 -14.31 13.53
C LEU A 370 -0.27 -13.15 13.54
N PHE A 371 -1.32 -13.15 12.74
CA PHE A 371 -2.25 -12.02 12.66
C PHE A 371 -3.50 -12.33 13.46
N VAL A 372 -3.58 -11.69 14.63
CA VAL A 372 -4.75 -11.85 15.50
C VAL A 372 -5.26 -10.46 15.84
N TRP A 373 -6.55 -10.23 15.64
CA TRP A 373 -7.12 -8.89 15.85
C TRP A 373 -7.85 -8.84 17.20
N LYS A 374 -7.48 -7.85 18.03
CA LYS A 374 -8.05 -7.82 19.37
C LYS A 374 -8.81 -6.49 19.56
N VAL A 375 -9.89 -6.61 20.29
CA VAL A 375 -10.61 -5.37 20.59
C VAL A 375 -10.68 -5.26 22.11
N ASN A 376 -10.21 -4.12 22.62
CA ASN A 376 -10.08 -3.99 24.09
C ASN A 376 -9.33 -5.18 24.67
N GLY A 377 -8.31 -5.72 24.01
CA GLY A 377 -7.45 -6.72 24.64
C GLY A 377 -7.78 -8.17 24.29
N SER A 378 -8.90 -8.40 23.58
CA SER A 378 -9.39 -9.75 23.33
C SER A 378 -9.84 -9.98 21.91
N ASP A 379 -9.35 -11.05 21.25
CA ASP A 379 -9.89 -11.46 19.97
C ASP A 379 -11.17 -12.25 20.17
N ILE A 380 -12.26 -11.90 19.47
CA ILE A 380 -13.52 -12.64 19.71
C ILE A 380 -13.37 -14.10 19.30
N ASN A 381 -14.07 -14.95 20.07
CA ASN A 381 -14.12 -16.38 19.75
C ASN A 381 -15.42 -16.91 20.36
N VAL A 382 -16.40 -17.13 19.46
CA VAL A 382 -17.73 -17.52 19.94
C VAL A 382 -17.85 -19.04 20.05
N ASP A 383 -18.84 -19.48 20.85
CA ASP A 383 -19.06 -20.93 20.93
C ASP A 383 -20.31 -21.24 20.12
N TRP A 384 -20.12 -21.82 18.95
CA TRP A 384 -21.28 -22.21 18.16
C TRP A 384 -22.26 -23.08 18.95
N GLY A 385 -21.81 -23.87 19.92
CA GLY A 385 -22.68 -24.76 20.68
C GLY A 385 -23.19 -24.15 21.96
N LYS A 386 -22.84 -22.90 22.27
CA LYS A 386 -23.40 -22.29 23.49
C LYS A 386 -23.52 -20.81 23.20
N PRO A 387 -24.47 -20.43 22.37
CA PRO A 387 -24.62 -19.01 21.97
C PRO A 387 -24.97 -18.13 23.17
N ILE A 388 -24.63 -16.85 23.07
CA ILE A 388 -25.01 -15.90 24.11
C ILE A 388 -26.48 -15.98 24.46
N ILE A 389 -27.37 -16.21 23.49
CA ILE A 389 -28.79 -16.30 23.86
C ILE A 389 -29.04 -17.47 24.80
N ASP A 390 -28.24 -18.54 24.77
CA ASP A 390 -28.48 -19.62 25.71
C ASP A 390 -28.24 -19.17 27.13
N TYR A 391 -27.24 -18.30 27.29
CA TYR A 391 -27.00 -17.74 28.63
C TYR A 391 -28.20 -16.91 29.07
N ILE A 392 -28.71 -16.07 28.18
CA ILE A 392 -29.89 -15.27 28.53
C ILE A 392 -31.05 -16.16 28.91
N LEU A 393 -31.25 -17.23 28.18
CA LEU A 393 -32.42 -18.08 28.46
C LEU A 393 -32.28 -18.89 29.73
N THR A 394 -31.05 -19.16 30.12
CA THR A 394 -30.84 -19.95 31.34
C THR A 394 -30.51 -19.03 32.53
N GLY A 395 -30.40 -17.73 32.37
CA GLY A 395 -30.06 -16.84 33.45
C GLY A 395 -28.65 -16.94 33.96
N ASN A 396 -27.77 -17.33 33.05
CA ASN A 396 -26.35 -17.41 33.39
C ASN A 396 -25.67 -16.15 32.90
N THR A 397 -24.93 -15.45 33.74
CA THR A 397 -24.33 -14.21 33.29
C THR A 397 -22.82 -14.36 33.28
N SER A 398 -22.39 -15.62 33.36
CA SER A 398 -20.93 -15.79 33.39
C SER A 398 -20.38 -15.93 31.99
N TYR A 399 -20.52 -14.86 31.18
CA TYR A 399 -20.10 -14.95 29.79
C TYR A 399 -18.59 -15.14 29.68
N PRO A 400 -18.14 -16.09 28.87
CA PRO A 400 -16.70 -16.20 28.65
C PRO A 400 -16.01 -14.94 28.15
N VAL A 401 -14.77 -14.73 28.58
CA VAL A 401 -14.00 -13.59 28.11
C VAL A 401 -13.97 -13.45 26.59
N SER A 402 -13.77 -14.56 25.88
CA SER A 402 -13.66 -14.40 24.42
C SER A 402 -14.94 -14.06 23.70
N ASP A 403 -16.08 -14.00 24.40
CA ASP A 403 -17.30 -13.53 23.75
C ASP A 403 -17.27 -12.02 23.61
N ASN A 404 -16.32 -11.35 24.24
CA ASN A 404 -16.22 -9.90 24.06
C ASN A 404 -17.55 -9.17 24.32
N ILE A 405 -18.25 -9.53 25.39
CA ILE A 405 -19.51 -8.87 25.73
C ILE A 405 -19.31 -7.45 26.25
N VAL A 406 -20.02 -6.53 25.60
CA VAL A 406 -20.05 -5.14 26.05
C VAL A 406 -21.50 -4.95 26.45
N GLN A 407 -21.77 -5.00 27.75
CA GLN A 407 -23.15 -4.90 28.21
C GLN A 407 -23.63 -3.47 28.27
N VAL A 408 -24.77 -3.20 27.66
CA VAL A 408 -25.32 -1.85 27.58
C VAL A 408 -26.72 -1.86 28.19
N ASP A 409 -26.86 -1.33 29.40
CA ASP A 409 -28.10 -1.44 30.13
C ASP A 409 -29.01 -0.25 29.91
N ALA A 410 -28.46 0.84 29.42
CA ALA A 410 -29.25 2.04 29.16
C ALA A 410 -30.49 1.74 28.31
N VAL A 411 -31.61 2.35 28.72
CA VAL A 411 -32.85 2.00 28.03
C VAL A 411 -33.28 3.07 27.05
N ASP A 412 -33.19 2.79 25.77
CA ASP A 412 -33.63 3.70 24.71
C ASP A 412 -32.94 5.06 24.85
N GLN A 413 -31.65 4.98 25.07
CA GLN A 413 -30.79 6.13 25.19
C GLN A 413 -29.71 6.11 24.11
N TRP A 414 -29.25 7.32 23.78
CA TRP A 414 -28.11 7.33 22.86
C TRP A 414 -26.87 6.87 23.57
N THR A 415 -26.11 5.95 22.99
CA THR A 415 -24.82 5.49 23.54
C THR A 415 -23.74 5.81 22.53
N TYR A 416 -22.58 6.24 23.03
CA TYR A 416 -21.50 6.78 22.24
C TYR A 416 -20.28 5.89 22.32
N TRP A 417 -19.66 5.62 21.15
CA TRP A 417 -18.58 4.64 21.10
C TRP A 417 -17.40 5.16 20.29
N LEU A 418 -16.26 5.25 20.97
CA LEU A 418 -15.04 5.71 20.28
C LEU A 418 -14.23 4.49 19.91
N ILE A 419 -14.03 4.29 18.62
CA ILE A 419 -13.21 3.12 18.18
C ILE A 419 -11.83 3.64 17.76
N GLU A 420 -10.78 3.06 18.29
CA GLU A 420 -9.43 3.56 18.06
C GLU A 420 -8.64 2.57 17.21
N ASN A 421 -8.05 3.03 16.11
CA ASN A 421 -7.40 2.11 15.18
C ASN A 421 -5.91 1.88 15.47
N ASP A 422 -5.62 1.13 16.52
CA ASP A 422 -4.24 0.73 16.81
C ASP A 422 -3.28 1.89 16.69
N PRO A 423 -3.54 3.08 17.24
CA PRO A 423 -2.68 4.22 16.92
C PRO A 423 -1.24 4.06 17.42
N GLU A 424 -1.01 3.15 18.35
CA GLU A 424 0.28 2.88 18.96
C GLU A 424 0.98 1.68 18.32
N GLY A 425 0.34 0.99 17.39
CA GLY A 425 0.94 -0.21 16.85
C GLY A 425 1.86 0.17 15.71
N PRO A 426 2.62 -0.80 15.21
CA PRO A 426 3.59 -0.48 14.16
C PRO A 426 2.99 -0.11 12.82
N PHE A 427 1.73 -0.53 12.58
CA PHE A 427 1.07 -0.06 11.38
C PHE A 427 -0.43 -0.24 11.57
N SER A 428 -1.23 0.40 10.74
CA SER A 428 -2.71 0.33 10.99
C SER A 428 -3.35 0.35 9.64
N LEU A 429 -4.47 -0.29 9.49
CA LEU A 429 -5.16 -0.46 8.23
C LEU A 429 -6.60 0.02 8.32
N PRO A 430 -7.21 0.41 7.21
CA PRO A 430 -8.63 0.77 7.27
C PRO A 430 -9.51 -0.43 7.63
N HIS A 431 -10.57 -0.21 8.41
CA HIS A 431 -11.49 -1.31 8.69
C HIS A 431 -12.94 -0.89 8.47
N PRO A 432 -13.74 -1.61 7.71
CA PRO A 432 -15.18 -1.31 7.55
C PRO A 432 -15.98 -1.86 8.72
N MET A 433 -16.35 -0.94 9.61
CA MET A 433 -17.02 -1.37 10.84
C MET A 433 -18.51 -1.43 10.64
N HIS A 434 -19.08 -2.54 11.10
CA HIS A 434 -20.51 -2.82 10.87
C HIS A 434 -21.23 -3.20 12.16
N LEU A 435 -22.39 -2.60 12.40
CA LEU A 435 -23.18 -2.93 13.57
C LEU A 435 -24.47 -3.69 13.23
N HIS A 436 -24.74 -4.79 13.90
CA HIS A 436 -26.00 -5.51 13.76
C HIS A 436 -27.05 -4.79 14.62
N GLY A 437 -28.32 -4.92 14.22
CA GLY A 437 -29.38 -4.54 15.14
C GLY A 437 -29.82 -3.09 15.05
N HIS A 438 -29.05 -2.21 14.38
CA HIS A 438 -29.19 -0.78 14.39
C HIS A 438 -28.46 -0.16 13.19
N ASP A 439 -28.95 1.01 12.82
CA ASP A 439 -28.12 1.98 12.12
C ASP A 439 -27.42 2.84 13.17
N PHE A 440 -26.16 3.18 12.99
CA PHE A 440 -25.54 4.16 13.92
C PHE A 440 -25.45 5.53 13.24
N LEU A 441 -25.21 6.53 14.05
CA LEU A 441 -24.84 7.85 13.58
C LEU A 441 -23.31 7.95 13.52
N VAL A 442 -22.83 8.48 12.40
CA VAL A 442 -21.37 8.67 12.31
C VAL A 442 -21.10 10.09 12.79
N LEU A 443 -20.69 10.25 14.04
CA LEU A 443 -20.55 11.60 14.64
C LEU A 443 -19.25 12.25 14.18
N GLY A 444 -18.23 11.45 13.86
CA GLY A 444 -17.03 12.05 13.30
C GLY A 444 -15.89 11.06 13.28
N ARG A 445 -14.75 11.48 12.72
CA ARG A 445 -13.62 10.56 12.64
C ARG A 445 -12.37 11.42 12.52
N SER A 446 -11.22 10.74 12.64
CA SER A 446 -9.95 11.48 12.54
C SER A 446 -9.82 12.14 11.19
N PRO A 447 -8.98 13.19 11.06
CA PRO A 447 -8.92 13.90 9.79
C PRO A 447 -8.59 13.00 8.60
N ASP A 448 -9.21 13.26 7.46
CA ASP A 448 -9.02 12.43 6.26
C ASP A 448 -7.63 12.67 5.67
N VAL A 449 -6.85 11.61 5.60
CA VAL A 449 -5.49 11.66 5.04
C VAL A 449 -5.28 10.44 4.15
N PRO A 450 -4.21 10.39 3.36
CA PRO A 450 -3.99 9.20 2.54
C PRO A 450 -3.89 7.96 3.41
N ALA A 451 -4.58 6.91 2.95
CA ALA A 451 -4.73 5.70 3.72
C ALA A 451 -3.42 5.02 4.05
N ALA A 452 -2.41 5.16 3.17
CA ALA A 452 -1.14 4.49 3.42
C ALA A 452 -0.10 5.44 4.02
N SER A 453 -0.52 6.61 4.49
CA SER A 453 0.47 7.64 4.84
C SER A 453 1.06 7.49 6.23
N GLN A 454 0.50 6.56 7.01
CA GLN A 454 1.06 6.25 8.31
C GLN A 454 0.79 7.34 9.35
N GLN A 455 0.07 8.39 8.97
CA GLN A 455 -0.33 9.41 9.94
C GLN A 455 -1.30 8.82 10.97
N ARG A 456 -1.07 9.15 12.23
CA ARG A 456 -1.80 8.61 13.34
C ARG A 456 -2.49 9.73 14.12
N PHE A 457 -3.67 9.46 14.65
CA PHE A 457 -4.41 10.41 15.46
C PHE A 457 -4.94 9.70 16.69
N VAL A 458 -4.88 10.36 17.84
CA VAL A 458 -5.66 9.90 18.99
C VAL A 458 -6.67 11.01 19.32
N PHE A 459 -7.89 10.63 19.66
CA PHE A 459 -8.92 11.63 19.97
C PHE A 459 -8.46 12.60 21.05
N ASP A 460 -8.60 13.87 20.76
CA ASP A 460 -8.21 14.93 21.71
C ASP A 460 -9.36 15.93 21.76
N PRO A 461 -10.09 16.00 22.85
CA PRO A 461 -11.26 16.87 22.87
C PRO A 461 -10.95 18.31 22.48
N ALA A 462 -9.71 18.74 22.77
CA ALA A 462 -9.35 20.15 22.52
C ALA A 462 -9.49 20.51 21.05
N VAL A 463 -9.23 19.56 20.13
CA VAL A 463 -9.49 19.88 18.73
C VAL A 463 -10.61 19.03 18.11
N ASP A 464 -10.96 17.91 18.75
CA ASP A 464 -11.86 16.99 18.01
C ASP A 464 -13.33 17.15 18.31
N LEU A 465 -13.66 17.70 19.49
CA LEU A 465 -15.09 17.92 19.73
C LEU A 465 -15.69 18.83 18.66
N ALA A 466 -14.92 19.85 18.26
CA ALA A 466 -15.44 20.76 17.27
C ALA A 466 -15.53 20.14 15.87
N ARG A 467 -14.95 18.97 15.72
CA ARG A 467 -15.01 18.32 14.41
C ARG A 467 -16.18 17.33 14.36
N LEU A 468 -16.87 17.14 15.49
CA LEU A 468 -17.99 16.20 15.54
C LEU A 468 -19.28 16.83 15.02
N ASN A 469 -20.18 16.04 14.47
CA ASN A 469 -21.44 16.50 13.89
C ASN A 469 -22.59 15.69 14.49
N GLY A 470 -23.44 16.36 15.28
CA GLY A 470 -24.60 15.64 15.79
C GLY A 470 -25.88 16.16 15.11
N ASP A 471 -25.75 17.03 14.11
CA ASP A 471 -26.93 17.60 13.44
C ASP A 471 -27.24 16.79 12.18
N ASN A 472 -28.03 15.74 12.34
CA ASN A 472 -28.38 14.81 11.25
C ASN A 472 -27.17 14.29 10.48
N PRO A 473 -26.20 13.67 11.17
CA PRO A 473 -25.02 13.14 10.52
C PRO A 473 -25.43 11.89 9.73
N PRO A 474 -24.49 11.39 8.95
CA PRO A 474 -24.69 10.12 8.27
C PRO A 474 -25.21 9.05 9.25
N ARG A 475 -26.19 8.29 8.79
CA ARG A 475 -26.84 7.25 9.58
C ARG A 475 -26.88 6.02 8.66
N ARG A 476 -26.23 4.96 9.12
CA ARG A 476 -26.11 3.77 8.23
C ARG A 476 -25.59 2.62 9.06
N ASP A 477 -25.30 1.47 8.45
CA ASP A 477 -24.94 0.30 9.26
C ASP A 477 -23.45 -0.06 9.07
N THR A 478 -22.72 0.59 8.19
CA THR A 478 -21.30 0.32 7.96
C THR A 478 -20.57 1.61 7.66
N THR A 479 -19.40 1.85 8.24
CA THR A 479 -18.61 3.04 7.88
C THR A 479 -17.15 2.76 8.15
N MET A 480 -16.26 3.59 7.59
CA MET A 480 -14.85 3.26 7.74
C MET A 480 -14.22 3.78 9.02
N LEU A 481 -13.41 2.90 9.63
CA LEU A 481 -12.49 3.30 10.68
C LEU A 481 -11.22 3.68 9.94
N PRO A 482 -10.80 4.95 9.97
CA PRO A 482 -9.61 5.35 9.23
C PRO A 482 -8.35 4.65 9.75
N ALA A 483 -7.48 4.24 8.83
CA ALA A 483 -6.15 3.76 9.24
C ALA A 483 -5.47 4.76 10.19
N GLY A 484 -4.96 4.27 11.30
CA GLY A 484 -4.14 5.05 12.22
C GLY A 484 -4.97 5.99 13.11
N GLY A 485 -6.28 6.00 12.94
CA GLY A 485 -7.16 7.02 13.48
C GLY A 485 -8.16 6.52 14.48
N TRP A 486 -9.34 7.18 14.39
CA TRP A 486 -10.43 6.87 15.32
C TRP A 486 -11.72 7.27 14.60
N LEU A 487 -12.78 6.75 15.19
CA LEU A 487 -14.14 6.82 14.71
C LEU A 487 -15.11 6.95 15.89
N LEU A 488 -16.02 7.93 15.83
CA LEU A 488 -16.99 8.07 16.94
C LEU A 488 -18.39 7.82 16.40
N LEU A 489 -19.03 6.81 16.98
CA LEU A 489 -20.36 6.43 16.54
C LEU A 489 -21.37 6.57 17.67
N ALA A 490 -22.65 6.69 17.29
CA ALA A 490 -23.68 6.59 18.36
C ALA A 490 -24.82 5.72 17.89
N PHE A 491 -25.40 5.00 18.85
CA PHE A 491 -26.68 4.35 18.49
C PHE A 491 -27.62 4.35 19.70
N ARG A 492 -28.91 4.31 19.38
CA ARG A 492 -29.91 4.42 20.46
C ARG A 492 -30.31 3.02 20.91
N THR A 493 -30.43 2.78 22.20
CA THR A 493 -30.64 1.39 22.65
C THR A 493 -32.12 1.02 22.65
N ASP A 494 -32.64 0.94 21.43
CA ASP A 494 -34.06 0.68 21.22
C ASP A 494 -34.37 -0.78 20.86
N ASN A 495 -33.47 -1.73 21.06
CA ASN A 495 -33.61 -3.06 20.50
C ASN A 495 -32.86 -4.10 21.35
N PRO A 496 -33.46 -4.58 22.42
CA PRO A 496 -32.79 -5.56 23.28
C PRO A 496 -32.34 -6.75 22.46
N GLY A 497 -31.10 -7.15 22.69
CA GLY A 497 -30.51 -8.25 21.90
C GLY A 497 -29.02 -8.32 22.08
N ALA A 498 -28.46 -9.41 21.58
CA ALA A 498 -27.00 -9.55 21.49
C ALA A 498 -26.61 -9.18 20.06
N TRP A 499 -25.86 -8.09 19.87
CA TRP A 499 -25.59 -7.53 18.57
C TRP A 499 -24.10 -7.48 18.26
N LEU A 500 -23.63 -8.18 17.25
CA LEU A 500 -22.23 -8.08 16.87
C LEU A 500 -21.93 -6.70 16.32
N PHE A 501 -20.71 -6.25 16.61
CA PHE A 501 -20.16 -5.02 16.03
C PHE A 501 -18.75 -5.37 15.59
N HIS A 502 -18.46 -5.38 14.32
CA HIS A 502 -17.26 -6.05 13.83
C HIS A 502 -16.77 -5.42 12.53
N CYS A 503 -15.48 -5.62 12.26
CA CYS A 503 -14.95 -5.35 10.91
C CYS A 503 -15.57 -6.35 9.93
N HIS A 504 -15.97 -5.93 8.75
CA HIS A 504 -16.62 -6.79 7.76
C HIS A 504 -15.60 -7.39 6.81
N ILE A 505 -14.32 -7.10 6.96
CA ILE A 505 -13.33 -7.87 6.15
C ILE A 505 -13.32 -9.28 6.73
N ALA A 506 -13.67 -10.30 5.93
CA ALA A 506 -13.80 -11.64 6.49
C ALA A 506 -12.57 -12.10 7.24
N TRP A 507 -11.41 -11.79 6.68
CA TRP A 507 -10.16 -12.25 7.29
C TRP A 507 -9.96 -11.68 8.69
N HIS A 508 -10.44 -10.45 8.88
CA HIS A 508 -10.24 -9.78 10.16
C HIS A 508 -11.27 -10.22 11.22
N VAL A 509 -12.54 -10.39 10.86
CA VAL A 509 -13.51 -10.84 11.87
C VAL A 509 -13.21 -12.31 12.19
N SER A 510 -12.76 -13.08 11.19
CA SER A 510 -12.26 -14.43 11.47
C SER A 510 -11.16 -14.37 12.51
N GLY A 511 -10.29 -13.35 12.31
CA GLY A 511 -9.12 -13.12 13.16
C GLY A 511 -9.38 -12.52 14.52
N GLY A 512 -10.64 -12.21 14.82
CA GLY A 512 -11.01 -11.76 16.16
C GLY A 512 -11.62 -10.39 16.23
N LEU A 513 -11.75 -9.64 15.11
CA LEU A 513 -12.07 -8.21 15.19
C LEU A 513 -13.57 -7.98 15.31
N SER A 514 -14.08 -8.15 16.52
CA SER A 514 -15.51 -7.92 16.82
C SER A 514 -15.67 -7.70 18.31
N VAL A 515 -16.76 -7.06 18.67
CA VAL A 515 -17.32 -7.21 20.02
C VAL A 515 -18.78 -7.64 19.87
N ASP A 516 -19.38 -7.86 21.03
CA ASP A 516 -20.80 -8.23 21.05
C ASP A 516 -21.51 -7.31 22.05
N PHE A 517 -22.29 -6.38 21.55
CA PHE A 517 -23.09 -5.50 22.40
C PHE A 517 -24.27 -6.26 22.96
N LEU A 518 -24.22 -6.52 24.26
CA LEU A 518 -25.37 -7.18 24.89
C LEU A 518 -26.29 -6.07 25.39
N GLU A 519 -27.29 -5.76 24.58
CA GLU A 519 -28.13 -4.59 24.78
C GLU A 519 -29.35 -4.96 25.60
N ARG A 520 -29.47 -4.32 26.76
CA ARG A 520 -30.67 -4.50 27.61
C ARG A 520 -31.01 -5.96 27.88
N PRO A 521 -30.04 -6.72 28.36
CA PRO A 521 -30.30 -8.16 28.51
C PRO A 521 -31.42 -8.41 29.52
N ALA A 522 -31.64 -7.48 30.46
CA ALA A 522 -32.71 -7.67 31.44
C ALA A 522 -34.10 -7.56 30.84
N ASP A 523 -34.23 -7.04 29.64
CA ASP A 523 -35.39 -6.88 28.81
C ASP A 523 -35.53 -7.98 27.74
N LEU A 524 -34.39 -8.53 27.37
CA LEU A 524 -34.34 -9.47 26.26
C LEU A 524 -35.03 -10.78 26.62
N ARG A 525 -34.84 -11.39 27.79
CA ARG A 525 -35.48 -12.69 28.00
C ARG A 525 -37.00 -12.60 27.96
N GLN A 526 -37.61 -11.55 28.49
CA GLN A 526 -39.04 -11.30 28.48
C GLN A 526 -39.63 -11.22 27.07
N ARG A 527 -38.76 -10.79 26.14
CA ARG A 527 -39.25 -10.53 24.79
C ARG A 527 -39.03 -11.69 23.81
N ILE A 528 -38.51 -12.80 24.29
CA ILE A 528 -38.27 -13.95 23.42
C ILE A 528 -39.52 -14.83 23.41
N SER A 529 -40.09 -15.04 22.23
CA SER A 529 -41.31 -15.90 22.19
C SER A 529 -41.01 -17.36 22.50
N GLN A 530 -42.06 -18.08 22.89
CA GLN A 530 -41.90 -19.50 23.17
C GLN A 530 -41.45 -20.22 21.88
N GLU A 531 -41.98 -19.82 20.71
CA GLU A 531 -41.65 -20.51 19.45
C GLU A 531 -40.16 -20.29 19.22
N ASP A 532 -39.71 -19.04 19.44
CA ASP A 532 -38.32 -18.72 19.16
C ASP A 532 -37.40 -19.45 20.13
N GLU A 533 -37.77 -19.46 21.42
CA GLU A 533 -36.99 -20.22 22.40
C GLU A 533 -36.93 -21.71 22.08
N ASP A 534 -38.09 -22.28 21.76
CA ASP A 534 -38.14 -23.73 21.49
C ASP A 534 -37.30 -24.07 20.27
N ASP A 535 -37.38 -23.20 19.23
CA ASP A 535 -36.68 -23.55 18.00
C ASP A 535 -35.17 -23.30 18.18
N PHE A 536 -34.80 -22.27 18.95
CA PHE A 536 -33.39 -22.07 19.29
C PHE A 536 -32.83 -23.34 19.93
N ASN A 537 -33.55 -23.86 20.91
CA ASN A 537 -33.09 -25.04 21.62
C ASN A 537 -33.08 -26.26 20.72
N ARG A 538 -34.09 -26.36 19.84
CA ARG A 538 -34.08 -27.48 18.88
C ARG A 538 -32.83 -27.48 18.02
N VAL A 539 -32.54 -26.33 17.42
CA VAL A 539 -31.39 -26.29 16.50
C VAL A 539 -30.11 -26.49 17.28
N CYS A 540 -30.01 -25.87 18.47
CA CYS A 540 -28.78 -26.16 19.24
C CYS A 540 -28.64 -27.62 19.64
N ASP A 541 -29.77 -28.30 20.00
CA ASP A 541 -29.64 -29.72 20.29
C ASP A 541 -29.09 -30.49 19.07
N GLU A 542 -29.64 -30.19 17.89
CA GLU A 542 -29.15 -30.87 16.69
C GLU A 542 -27.69 -30.54 16.42
N TRP A 543 -27.32 -29.27 16.57
CA TRP A 543 -25.95 -28.87 16.30
C TRP A 543 -25.01 -29.59 17.26
N ARG A 544 -25.38 -29.57 18.55
CA ARG A 544 -24.47 -30.18 19.54
C ARG A 544 -24.32 -31.68 19.33
N ALA A 545 -25.37 -32.35 18.84
CA ALA A 545 -25.24 -33.78 18.53
C ALA A 545 -24.38 -33.97 17.30
N TYR A 546 -24.43 -33.05 16.33
CA TYR A 546 -23.67 -33.18 15.10
C TYR A 546 -22.19 -32.92 15.38
N TRP A 547 -21.87 -31.84 16.07
CA TRP A 547 -20.49 -31.30 16.08
C TRP A 547 -19.43 -32.33 16.40
N PRO A 548 -19.58 -33.20 17.39
CA PRO A 548 -18.52 -34.18 17.63
C PRO A 548 -18.24 -35.10 16.46
N THR A 549 -19.14 -35.21 15.49
CA THR A 549 -18.85 -36.07 14.35
C THR A 549 -18.18 -35.29 13.21
N ASN A 550 -18.03 -33.97 13.37
CA ASN A 550 -17.41 -33.18 12.30
C ASN A 550 -15.93 -33.53 12.15
N PRO A 551 -15.45 -33.74 10.92
CA PRO A 551 -14.04 -34.12 10.76
C PRO A 551 -13.05 -32.98 10.83
N TYR A 552 -13.51 -31.73 10.83
CA TYR A 552 -12.59 -30.60 10.80
C TYR A 552 -12.72 -29.75 12.04
N PRO A 553 -11.63 -29.09 12.41
CA PRO A 553 -11.67 -28.19 13.56
C PRO A 553 -12.20 -26.82 13.18
N LYS A 554 -12.63 -26.06 14.17
CA LYS A 554 -12.87 -24.64 13.94
C LYS A 554 -11.52 -23.93 14.08
N ILE A 555 -11.08 -23.10 13.14
CA ILE A 555 -9.72 -22.58 13.19
C ILE A 555 -9.72 -21.07 13.43
N ASP A 556 -10.90 -20.49 13.58
CA ASP A 556 -10.96 -19.01 13.70
C ASP A 556 -12.04 -18.61 14.70
N SER A 557 -12.52 -17.35 14.60
CA SER A 557 -13.44 -16.92 15.65
C SER A 557 -14.80 -17.59 15.60
N GLY A 558 -15.12 -18.09 14.41
CA GLY A 558 -16.47 -18.64 14.24
C GLY A 558 -17.37 -17.68 13.50
N LEU A 559 -16.92 -16.44 13.23
CA LEU A 559 -17.79 -15.40 12.70
C LEU A 559 -17.36 -14.89 11.33
N GLU B 1 40.77 16.35 -20.16
CA GLU B 1 40.32 17.41 -21.05
C GLU B 1 39.83 16.88 -22.40
N PRO B 2 38.61 17.21 -22.84
CA PRO B 2 38.18 16.84 -24.17
C PRO B 2 38.79 17.69 -25.27
N THR B 3 38.97 17.07 -26.44
CA THR B 3 39.45 17.88 -27.58
C THR B 3 38.45 17.82 -28.71
N CYS B 4 37.40 17.00 -28.69
CA CYS B 4 36.58 16.89 -29.89
C CYS B 4 35.11 16.68 -29.56
N ASN B 5 34.75 16.97 -28.34
CA ASN B 5 33.38 16.84 -27.88
C ASN B 5 32.58 18.06 -28.22
N THR B 6 31.66 17.92 -29.20
CA THR B 6 30.93 19.10 -29.65
C THR B 6 29.44 18.82 -29.63
N PRO B 7 28.60 19.84 -29.73
CA PRO B 7 27.17 19.57 -29.72
C PRO B 7 26.75 18.58 -30.79
N SER B 8 27.37 18.59 -31.99
CA SER B 8 26.92 17.61 -32.96
C SER B 8 27.71 16.32 -32.91
N ASN B 9 28.78 16.31 -32.11
CA ASN B 9 29.58 15.10 -31.97
C ASN B 9 29.92 14.88 -30.48
N ARG B 10 28.91 14.36 -29.80
CA ARG B 10 29.05 14.12 -28.36
C ARG B 10 29.68 12.75 -28.15
N ALA B 11 29.74 11.93 -29.20
CA ALA B 11 30.36 10.62 -29.06
C ALA B 11 31.88 10.70 -28.92
N CYS B 12 32.45 11.79 -29.44
CA CYS B 12 33.88 12.01 -29.44
C CYS B 12 34.31 12.61 -28.10
N TRP B 13 35.48 12.22 -27.63
CA TRP B 13 36.02 12.92 -26.45
C TRP B 13 37.45 13.41 -26.73
N SER B 14 38.42 12.51 -26.91
CA SER B 14 39.81 12.91 -27.16
C SER B 14 40.53 11.77 -27.87
N ASP B 15 41.80 11.99 -28.25
CA ASP B 15 42.53 10.95 -28.98
C ASP B 15 42.54 9.61 -28.23
N GLY B 16 41.92 8.59 -28.78
CA GLY B 16 41.86 7.28 -28.22
C GLY B 16 40.73 7.04 -27.24
N PHE B 17 39.84 8.03 -27.08
CA PHE B 17 38.78 7.93 -26.08
C PHE B 17 37.46 8.45 -26.63
N ASP B 18 36.47 7.58 -26.65
CA ASP B 18 35.15 8.02 -27.12
C ASP B 18 34.06 7.16 -26.49
N ILE B 19 32.82 7.36 -26.92
CA ILE B 19 31.72 6.61 -26.29
C ILE B 19 31.85 5.13 -26.45
N ASN B 20 32.66 4.68 -27.43
CA ASN B 20 32.76 3.22 -27.59
C ASN B 20 33.95 2.61 -26.86
N THR B 21 34.79 3.43 -26.25
CA THR B 21 35.91 2.94 -25.45
C THR B 21 35.42 2.12 -24.27
N ASP B 22 36.10 1.02 -23.97
CA ASP B 22 35.70 0.28 -22.75
C ASP B 22 36.28 1.01 -21.55
N TYR B 23 35.51 1.91 -20.95
CA TYR B 23 35.94 2.81 -19.87
C TYR B 23 36.30 1.98 -18.64
N GLU B 24 35.84 0.74 -18.54
CA GLU B 24 36.17 -0.04 -17.36
C GLU B 24 37.62 -0.50 -17.37
N VAL B 25 38.26 -0.45 -18.55
CA VAL B 25 39.65 -0.93 -18.56
C VAL B 25 40.57 0.12 -19.15
N SER B 26 40.03 1.19 -19.74
CA SER B 26 40.89 2.22 -20.35
C SER B 26 40.48 3.60 -19.89
N THR B 27 41.41 4.42 -19.40
CA THR B 27 41.09 5.71 -18.79
C THR B 27 42.02 6.78 -19.34
N PRO B 28 41.54 7.95 -19.68
CA PRO B 28 42.45 9.03 -20.09
C PRO B 28 43.44 9.46 -19.03
N ASP B 29 44.70 9.68 -19.43
CA ASP B 29 45.67 10.19 -18.46
C ASP B 29 45.70 11.71 -18.54
N THR B 30 44.90 12.42 -17.77
CA THR B 30 44.89 13.88 -17.90
C THR B 30 45.92 14.57 -17.01
N GLY B 31 46.42 13.90 -16.00
CA GLY B 31 47.27 14.45 -14.96
C GLY B 31 46.63 15.57 -14.17
N VAL B 32 45.32 15.81 -14.31
CA VAL B 32 44.64 16.88 -13.60
C VAL B 32 43.94 16.36 -12.34
N THR B 33 44.02 17.16 -11.30
CA THR B 33 43.31 16.92 -10.03
C THR B 33 42.33 18.04 -9.76
N GLN B 34 41.09 17.64 -9.44
CA GLN B 34 40.06 18.57 -9.00
C GLN B 34 39.92 18.34 -7.50
N SER B 35 40.13 19.37 -6.69
CA SER B 35 40.11 19.17 -5.24
C SER B 35 39.02 20.02 -4.59
N TYR B 36 38.50 19.58 -3.44
CA TYR B 36 37.40 20.15 -2.70
C TYR B 36 37.68 20.01 -1.21
N VAL B 37 37.14 20.91 -0.40
CA VAL B 37 37.22 20.74 1.06
C VAL B 37 35.75 20.72 1.50
N PHE B 38 35.35 19.69 2.18
CA PHE B 38 34.02 19.58 2.75
C PHE B 38 34.07 19.82 4.26
N ASN B 39 33.42 20.87 4.77
CA ASN B 39 33.39 21.17 6.19
C ASN B 39 32.02 20.82 6.71
N LEU B 40 31.96 19.76 7.50
CA LEU B 40 30.63 19.29 7.94
C LEU B 40 30.25 20.00 9.23
N THR B 41 29.10 20.66 9.27
CA THR B 41 28.74 21.29 10.55
C THR B 41 27.36 20.89 10.99
N GLU B 42 27.08 21.09 12.27
CA GLU B 42 25.79 20.69 12.86
C GLU B 42 25.00 21.95 13.15
N VAL B 43 23.86 22.07 12.51
CA VAL B 43 23.03 23.28 12.62
C VAL B 43 21.68 22.99 13.21
N ASP B 44 21.37 23.67 14.31
CA ASP B 44 20.06 23.49 14.95
C ASP B 44 19.04 24.53 14.50
N ASN B 45 17.76 24.21 14.45
CA ASN B 45 16.73 25.18 14.07
C ASN B 45 17.04 25.88 12.77
N TRP B 46 17.23 25.05 11.74
CA TRP B 46 17.56 25.47 10.41
C TRP B 46 16.32 25.63 9.57
N MET B 47 16.19 26.79 8.95
CA MET B 47 15.09 27.06 8.07
C MET B 47 15.36 26.45 6.69
N GLY B 48 14.53 25.48 6.38
CA GLY B 48 14.63 24.76 5.12
C GLY B 48 13.90 25.43 3.97
N PRO B 49 14.03 24.90 2.75
CA PRO B 49 13.48 25.54 1.58
C PRO B 49 11.96 25.62 1.45
N ASP B 50 11.16 24.85 2.20
CA ASP B 50 9.70 24.99 2.10
C ASP B 50 9.20 25.78 3.29
N GLY B 51 10.13 26.44 3.97
CA GLY B 51 9.87 27.38 5.06
C GLY B 51 9.84 26.74 6.43
N VAL B 52 9.72 25.42 6.53
CA VAL B 52 9.68 24.76 7.81
C VAL B 52 11.06 24.75 8.45
N VAL B 53 11.11 25.03 9.77
CA VAL B 53 12.36 24.98 10.52
C VAL B 53 12.60 23.58 11.08
N LYS B 54 13.73 22.97 10.72
CA LYS B 54 14.03 21.63 11.20
C LYS B 54 14.82 21.67 12.49
N GLU B 55 14.59 20.74 13.35
CA GLU B 55 15.34 20.63 14.59
C GLU B 55 16.84 20.63 14.43
N LYS B 56 17.34 19.77 13.51
CA LYS B 56 18.79 19.60 13.43
C LYS B 56 19.12 19.08 12.04
N VAL B 57 20.08 19.69 11.37
CA VAL B 57 20.62 19.24 10.10
C VAL B 57 22.14 19.18 10.24
N MET B 58 22.76 18.48 9.29
CA MET B 58 24.21 18.26 9.24
C MET B 58 24.63 18.59 7.83
N LEU B 59 25.35 19.72 7.69
CA LEU B 59 25.52 20.33 6.39
C LEU B 59 26.98 20.35 5.95
N ILE B 60 27.19 20.29 4.65
CA ILE B 60 28.52 20.44 4.07
C ILE B 60 28.64 21.88 3.58
N ASN B 61 29.65 22.58 4.07
CA ASN B 61 29.89 23.97 3.69
C ASN B 61 28.63 24.83 3.80
N GLY B 62 27.82 24.56 4.85
CA GLY B 62 26.72 25.44 5.17
C GLY B 62 25.52 25.43 4.25
N ASN B 63 25.44 24.50 3.29
CA ASN B 63 24.30 24.49 2.36
C ASN B 63 23.53 23.17 2.49
N ILE B 64 22.32 23.17 1.93
CA ILE B 64 21.47 21.98 2.02
C ILE B 64 22.12 20.75 1.38
N MET B 65 22.95 20.91 0.36
CA MET B 65 23.77 19.82 -0.17
C MET B 65 25.21 20.30 -0.32
N GLY B 66 26.13 19.36 -0.41
CA GLY B 66 27.49 19.71 -0.64
C GLY B 66 27.73 20.22 -2.05
N PRO B 67 28.96 20.60 -2.30
CA PRO B 67 29.36 21.02 -3.61
C PRO B 67 29.05 20.00 -4.71
N ASN B 68 28.67 20.45 -5.90
CA ASN B 68 28.59 19.62 -7.08
C ASN B 68 30.05 19.37 -7.49
N ILE B 69 30.41 18.10 -7.37
CA ILE B 69 31.76 17.71 -7.80
C ILE B 69 31.70 17.65 -9.33
N VAL B 70 32.72 18.31 -9.95
CA VAL B 70 32.86 18.30 -11.40
C VAL B 70 34.31 18.04 -11.78
N ALA B 71 34.50 17.09 -12.68
CA ALA B 71 35.80 16.83 -13.21
C ALA B 71 35.66 16.19 -14.59
N ASN B 72 36.79 15.96 -15.27
CA ASN B 72 36.72 15.27 -16.53
C ASN B 72 37.14 13.80 -16.39
N TRP B 73 36.60 12.99 -17.29
CA TRP B 73 37.00 11.59 -17.40
C TRP B 73 38.53 11.46 -17.36
N GLY B 74 39.04 10.71 -16.37
CA GLY B 74 40.44 10.47 -16.21
C GLY B 74 41.17 11.41 -15.29
N ASP B 75 40.57 12.51 -14.88
CA ASP B 75 41.10 13.31 -13.78
C ASP B 75 41.08 12.47 -12.49
N THR B 76 41.74 13.05 -11.49
CA THR B 76 41.64 12.60 -10.11
C THR B 76 40.81 13.62 -9.35
N VAL B 77 39.94 13.18 -8.47
CA VAL B 77 39.11 13.98 -7.60
C VAL B 77 39.65 13.74 -6.18
N GLU B 78 39.86 14.85 -5.48
CA GLU B 78 40.40 14.81 -4.13
C GLU B 78 39.52 15.64 -3.22
N VAL B 79 39.12 15.06 -2.08
CA VAL B 79 38.22 15.79 -1.21
C VAL B 79 38.72 15.67 0.21
N THR B 80 39.12 16.77 0.83
CA THR B 80 39.39 16.74 2.26
C THR B 80 38.08 16.91 3.03
N VAL B 81 37.76 15.99 3.90
CA VAL B 81 36.53 16.05 4.69
C VAL B 81 36.93 16.35 6.14
N ILE B 82 36.36 17.45 6.64
CA ILE B 82 36.61 17.92 8.00
C ILE B 82 35.30 17.83 8.77
N ASN B 83 35.31 17.00 9.80
CA ASN B 83 34.11 16.69 10.52
C ASN B 83 33.97 17.58 11.76
N ASN B 84 33.21 18.64 11.62
CA ASN B 84 32.93 19.54 12.74
C ASN B 84 31.56 19.29 13.32
N LEU B 85 31.06 18.06 13.14
CA LEU B 85 29.86 17.68 13.87
C LEU B 85 30.19 17.63 15.36
N VAL B 86 29.13 17.62 16.20
CA VAL B 86 29.36 17.60 17.63
C VAL B 86 29.59 16.20 18.17
N THR B 87 28.83 15.17 17.78
CA THR B 87 29.10 13.84 18.29
C THR B 87 29.39 12.80 17.21
N ASN B 88 28.75 12.94 16.04
CA ASN B 88 28.85 11.83 15.10
C ASN B 88 30.22 11.76 14.42
N GLY B 89 30.67 10.53 14.15
CA GLY B 89 31.70 10.36 13.15
C GLY B 89 31.07 10.58 11.80
N THR B 90 31.90 10.49 10.75
CA THR B 90 31.31 10.57 9.39
C THR B 90 32.17 9.79 8.43
N SER B 91 31.63 9.36 7.31
CA SER B 91 32.40 8.68 6.25
C SER B 91 31.67 9.02 4.95
N ILE B 92 32.36 9.52 3.96
CA ILE B 92 31.69 9.93 2.72
C ILE B 92 31.99 8.87 1.65
N HIS B 93 30.90 8.29 1.15
CA HIS B 93 30.92 7.29 0.12
C HIS B 93 30.57 7.89 -1.22
N TRP B 94 31.32 7.50 -2.26
CA TRP B 94 31.22 8.07 -3.60
C TRP B 94 30.44 7.05 -4.43
N HIS B 95 29.11 7.27 -4.41
CA HIS B 95 28.18 6.27 -4.95
C HIS B 95 28.27 6.25 -6.48
N GLY B 96 28.65 5.08 -7.01
CA GLY B 96 28.73 5.03 -8.44
C GLY B 96 30.19 5.00 -8.89
N ILE B 97 31.07 5.39 -7.97
CA ILE B 97 32.50 5.43 -8.27
C ILE B 97 33.11 4.10 -7.86
N GLN B 99 36.06 2.81 -7.49
CA GLN B 99 37.21 2.72 -6.62
C GLN B 99 38.10 1.55 -7.02
N LYS B 100 38.42 1.47 -8.31
CA LYS B 100 39.25 0.37 -8.83
C LYS B 100 40.60 0.36 -8.16
N ASP B 101 40.89 -0.64 -7.35
CA ASP B 101 42.08 -0.78 -6.55
C ASP B 101 42.30 0.42 -5.63
N THR B 102 41.23 1.09 -5.27
CA THR B 102 41.26 2.12 -4.24
C THR B 102 40.18 1.87 -3.18
N ASN B 103 39.97 0.62 -2.78
CA ASN B 103 38.89 0.29 -1.81
C ASN B 103 38.93 1.14 -0.55
N LEU B 104 40.12 1.57 -0.09
CA LEU B 104 40.21 2.30 1.17
C LEU B 104 39.69 3.73 1.06
N HIS B 105 39.27 4.09 -0.16
CA HIS B 105 38.67 5.41 -0.32
C HIS B 105 37.16 5.32 -0.54
N ASP B 106 36.60 4.13 -0.30
CA ASP B 106 35.18 3.94 -0.67
C ASP B 106 34.29 4.63 0.35
N GLY B 107 34.81 4.93 1.54
CA GLY B 107 33.94 5.68 2.48
C GLY B 107 32.93 4.81 3.20
N ALA B 108 33.16 3.50 3.25
CA ALA B 108 32.21 2.64 3.95
C ALA B 108 32.70 2.40 5.36
N ASN B 109 32.22 3.18 6.35
CA ASN B 109 32.78 3.00 7.69
C ASN B 109 32.43 1.63 8.24
N GLY B 110 33.34 1.06 9.02
CA GLY B 110 33.17 -0.31 9.47
C GLY B 110 33.64 -1.32 8.44
N VAL B 111 33.89 -0.89 7.21
CA VAL B 111 34.30 -1.81 6.12
C VAL B 111 35.66 -1.35 5.63
N THR B 112 35.72 -0.14 5.06
CA THR B 112 36.96 0.30 4.43
C THR B 112 37.70 1.35 5.26
N GLU B 113 37.12 1.79 6.36
CA GLU B 113 37.68 2.89 7.16
C GLU B 113 36.93 2.90 8.49
N CYS B 114 37.56 3.48 9.52
CA CYS B 114 36.80 3.92 10.68
C CYS B 114 36.21 5.30 10.37
N PRO B 115 35.17 5.73 11.10
CA PRO B 115 34.64 7.06 10.88
C PRO B 115 35.66 8.15 11.27
N ILE B 116 35.56 9.26 10.52
CA ILE B 116 36.35 10.45 10.87
C ILE B 116 35.77 11.01 12.16
N PRO B 117 36.52 11.24 13.24
CA PRO B 117 35.87 11.71 14.48
C PRO B 117 35.40 13.16 14.37
N PRO B 118 34.42 13.49 15.22
CA PRO B 118 33.87 14.84 15.22
C PRO B 118 34.85 15.84 15.85
N LYS B 119 34.38 17.09 15.96
CA LYS B 119 35.13 18.15 16.61
C LYS B 119 36.47 18.39 15.91
N GLY B 120 36.48 18.17 14.59
CA GLY B 120 37.65 18.59 13.81
C GLY B 120 38.44 17.45 13.19
N GLY B 121 38.00 16.20 13.29
CA GLY B 121 38.73 15.10 12.60
C GLY B 121 38.76 15.36 11.10
N GLN B 122 39.76 14.83 10.38
CA GLN B 122 39.76 15.03 8.94
C GLN B 122 40.41 13.84 8.25
N ARG B 123 40.00 13.68 7.01
CA ARG B 123 40.63 12.70 6.12
C ARG B 123 40.54 13.18 4.70
N THR B 124 41.51 12.91 3.85
CA THR B 124 41.40 13.28 2.45
C THR B 124 41.14 12.04 1.59
N TYR B 125 40.08 12.10 0.81
CA TYR B 125 39.71 11.01 -0.10
C TYR B 125 40.34 11.37 -1.46
N ARG B 126 40.78 10.34 -2.17
CA ARG B 126 41.41 10.58 -3.47
C ARG B 126 41.03 9.42 -4.37
N TRP B 127 40.45 9.72 -5.56
CA TRP B 127 40.01 8.63 -6.41
C TRP B 127 40.07 9.09 -7.87
N ARG B 128 40.23 8.11 -8.75
CA ARG B 128 40.41 8.35 -10.17
C ARG B 128 39.06 8.32 -10.86
N ALA B 129 38.82 9.28 -11.74
CA ALA B 129 37.52 9.32 -12.41
C ALA B 129 37.63 8.41 -13.62
N ARG B 130 37.35 7.13 -13.43
CA ARG B 130 37.45 6.10 -14.48
C ARG B 130 36.11 5.78 -15.15
N GLN B 131 35.14 6.64 -14.89
N GLN B 131 35.14 6.62 -14.83
CA GLN B 131 33.80 6.48 -15.44
CA GLN B 131 33.81 6.47 -15.39
C GLN B 131 33.08 7.82 -15.50
C GLN B 131 33.32 7.89 -15.65
N TYR B 132 32.47 8.12 -16.64
CA TYR B 132 31.93 9.47 -16.88
C TYR B 132 30.40 9.36 -16.80
N GLY B 133 29.76 10.42 -16.29
CA GLY B 133 28.30 10.40 -16.10
C GLY B 133 27.97 11.10 -14.78
N THR B 134 26.82 10.69 -14.24
CA THR B 134 26.20 11.36 -13.11
C THR B 134 26.15 10.40 -11.92
N SER B 135 26.80 10.82 -10.83
CA SER B 135 26.82 10.00 -9.60
C SER B 135 26.53 10.93 -8.41
N TRP B 136 26.74 10.43 -7.21
CA TRP B 136 26.45 11.24 -6.02
C TRP B 136 27.25 10.72 -4.84
N TYR B 137 27.28 11.49 -3.77
CA TYR B 137 28.06 11.07 -2.60
C TYR B 137 27.18 11.30 -1.36
N HIS B 138 27.49 10.58 -0.33
CA HIS B 138 26.69 10.70 0.88
C HIS B 138 27.41 10.05 2.04
N SER B 139 27.10 10.49 3.25
CA SER B 139 27.64 9.81 4.41
C SER B 139 27.19 8.36 4.45
N HIS B 140 28.04 7.52 5.04
CA HIS B 140 27.54 6.16 5.30
C HIS B 140 27.50 5.88 6.78
N PHE B 141 27.54 6.91 7.60
CA PHE B 141 27.51 6.75 9.07
C PHE B 141 26.06 6.61 9.51
N SER B 142 25.61 5.37 9.69
CA SER B 142 24.19 5.08 9.86
C SER B 142 23.36 5.90 8.87
N ALA B 143 22.27 6.59 9.24
CA ALA B 143 21.42 7.27 8.29
C ALA B 143 21.72 8.78 8.19
N GLN B 144 22.95 9.16 8.54
CA GLN B 144 23.36 10.58 8.58
C GLN B 144 23.10 11.33 7.29
N TYR B 145 23.13 10.64 6.13
CA TYR B 145 22.94 11.47 4.94
C TYR B 145 21.54 12.06 4.91
N GLY B 146 20.59 11.45 5.65
CA GLY B 146 19.24 12.00 5.76
C GLY B 146 19.26 13.35 6.50
N ASN B 147 20.38 13.72 7.10
CA ASN B 147 20.44 15.04 7.73
C ASN B 147 21.08 16.10 6.85
N GLY B 148 21.60 15.78 5.67
CA GLY B 148 22.13 16.77 4.75
C GLY B 148 23.52 16.43 4.23
N VAL B 149 24.13 15.34 4.66
CA VAL B 149 25.50 15.00 4.22
C VAL B 149 25.46 14.23 2.92
N VAL B 150 25.22 14.97 1.83
CA VAL B 150 24.87 14.42 0.53
C VAL B 150 25.25 15.46 -0.55
N GLY B 151 25.62 15.02 -1.73
CA GLY B 151 25.85 15.96 -2.84
C GLY B 151 25.98 15.18 -4.15
N THR B 152 26.25 15.87 -5.24
CA THR B 152 26.31 15.21 -6.52
C THR B 152 27.71 15.18 -7.15
N ILE B 153 27.84 14.32 -8.15
CA ILE B 153 29.08 14.18 -8.93
C ILE B 153 28.78 14.21 -10.42
N GLN B 154 29.49 15.06 -11.14
CA GLN B 154 29.38 15.14 -12.58
C GLN B 154 30.78 14.91 -13.17
N ILE B 155 31.04 13.75 -13.76
CA ILE B 155 32.32 13.54 -14.46
C ILE B 155 32.00 13.65 -15.94
N ASN B 156 32.52 14.70 -16.58
CA ASN B 156 32.24 14.91 -17.98
C ASN B 156 32.96 13.94 -18.88
N GLY B 157 32.31 13.69 -20.01
CA GLY B 157 32.82 12.69 -20.95
C GLY B 157 31.91 12.61 -22.14
N PRO B 158 32.08 11.57 -23.00
CA PRO B 158 31.21 11.51 -24.19
C PRO B 158 29.81 11.03 -23.85
N ALA B 159 28.97 11.03 -24.88
CA ALA B 159 27.56 10.66 -24.68
C ALA B 159 27.02 9.95 -25.90
N SER B 160 25.94 9.24 -25.76
CA SER B 160 25.35 8.42 -26.83
C SER B 160 24.36 9.16 -27.74
N LEU B 161 24.18 10.46 -27.51
CA LEU B 161 23.44 11.29 -28.47
C LEU B 161 24.07 12.68 -28.51
N PRO B 162 23.99 13.38 -29.62
CA PRO B 162 24.34 14.81 -29.64
C PRO B 162 23.32 15.61 -28.83
N TYR B 163 23.77 16.74 -28.29
CA TYR B 163 22.82 17.62 -27.60
C TYR B 163 23.50 18.98 -27.53
N ASP B 164 22.72 20.03 -27.35
CA ASP B 164 23.24 21.39 -27.35
C ASP B 164 23.69 21.88 -26.00
N ILE B 165 22.91 21.60 -24.94
CA ILE B 165 23.09 22.24 -23.67
C ILE B 165 23.04 21.19 -22.55
N ASP B 166 24.03 21.26 -21.67
CA ASP B 166 24.04 20.42 -20.46
C ASP B 166 23.44 21.24 -19.32
N LEU B 167 22.25 20.92 -18.88
CA LEU B 167 21.57 21.65 -17.83
C LEU B 167 22.13 21.27 -16.46
N GLY B 168 22.90 20.19 -16.41
CA GLY B 168 23.55 19.84 -15.15
C GLY B 168 22.71 18.96 -14.25
N VAL B 169 23.09 18.91 -12.95
CA VAL B 169 22.42 17.96 -12.07
C VAL B 169 21.05 18.44 -11.61
N PHE B 170 20.23 17.45 -11.31
CA PHE B 170 18.83 17.64 -10.93
C PHE B 170 18.46 16.57 -9.91
N PRO B 171 19.01 16.70 -8.71
CA PRO B 171 18.74 15.73 -7.64
C PRO B 171 17.35 15.93 -7.07
N ILE B 172 16.64 14.82 -6.93
CA ILE B 172 15.32 14.79 -6.35
C ILE B 172 15.39 13.98 -5.07
N THR B 173 14.86 14.49 -3.96
CA THR B 173 14.94 13.73 -2.71
C THR B 173 13.72 13.92 -1.85
N ASP B 174 13.41 12.84 -1.12
CA ASP B 174 12.45 13.00 -0.04
C ASP B 174 13.06 13.95 0.98
N TYR B 175 12.17 14.54 1.78
CA TYR B 175 12.57 15.55 2.77
C TYR B 175 11.67 15.30 3.98
N TYR B 176 12.31 15.09 5.13
CA TYR B 176 11.62 14.84 6.38
C TYR B 176 11.99 15.95 7.37
N TYR B 177 11.00 16.44 8.12
CA TYR B 177 11.38 17.43 9.12
C TYR B 177 12.04 16.77 10.33
N ARG B 178 11.76 15.53 10.65
CA ARG B 178 12.41 14.83 11.72
C ARG B 178 13.84 14.49 11.27
N ALA B 179 14.74 14.42 12.26
CA ALA B 179 16.14 14.12 11.96
C ALA B 179 16.33 12.62 11.74
N ALA B 180 17.40 12.26 11.03
CA ALA B 180 17.60 10.87 10.65
C ALA B 180 17.68 9.89 11.80
N ASP B 181 18.39 10.22 12.90
CA ASP B 181 18.45 9.21 13.97
C ASP B 181 17.09 8.99 14.60
N ASP B 182 16.30 10.06 14.63
CA ASP B 182 14.95 9.86 15.20
C ASP B 182 14.13 8.97 14.30
N LEU B 183 14.28 9.13 13.00
CA LEU B 183 13.55 8.27 12.05
C LEU B 183 14.08 6.84 12.07
N VAL B 184 15.39 6.68 12.25
CA VAL B 184 15.84 5.28 12.39
C VAL B 184 15.18 4.63 13.60
N HIS B 185 15.15 5.34 14.74
CA HIS B 185 14.51 4.76 15.93
C HIS B 185 13.05 4.45 15.68
N PHE B 186 12.35 5.40 15.06
CA PHE B 186 10.93 5.21 14.75
C PHE B 186 10.73 3.95 13.90
N THR B 187 11.51 3.83 12.82
CA THR B 187 11.29 2.72 11.87
C THR B 187 11.76 1.39 12.42
N GLN B 188 12.48 1.38 13.55
CA GLN B 188 12.76 0.09 14.18
C GLN B 188 11.49 -0.63 14.66
N ASN B 189 10.43 0.12 14.91
CA ASN B 189 9.23 -0.49 15.47
C ASN B 189 7.96 0.00 14.79
N ASN B 190 8.05 0.78 13.72
CA ASN B 190 6.92 1.36 13.01
C ASN B 190 7.14 1.38 11.51
N ALA B 191 6.10 1.26 10.70
CA ALA B 191 6.23 1.43 9.25
C ALA B 191 6.75 2.84 8.97
N PRO B 192 7.65 2.99 8.02
N PRO B 192 7.53 2.99 7.93
CA PRO B 192 8.16 4.32 7.67
CA PRO B 192 8.14 4.29 7.63
C PRO B 192 7.09 5.28 7.20
N PRO B 193 7.33 6.55 7.57
CA PRO B 193 6.38 7.60 7.21
C PRO B 193 6.49 7.98 5.73
N PHE B 194 5.44 8.63 5.22
CA PHE B 194 5.53 9.38 3.98
C PHE B 194 6.48 10.55 4.20
N SER B 195 7.11 11.01 3.12
CA SER B 195 7.99 12.16 3.30
C SER B 195 7.15 13.41 3.54
N ASP B 196 7.73 14.40 4.23
CA ASP B 196 6.93 15.63 4.40
C ASP B 196 6.86 16.45 3.14
N ASN B 197 7.91 16.35 2.31
CA ASN B 197 7.93 16.99 1.01
C ASN B 197 8.90 16.23 0.11
N VAL B 198 8.95 16.62 -1.15
CA VAL B 198 9.96 16.15 -2.07
C VAL B 198 10.65 17.38 -2.68
N LEU B 199 11.96 17.51 -2.43
CA LEU B 199 12.69 18.61 -3.04
C LEU B 199 13.20 18.25 -4.43
N ILE B 200 13.17 19.21 -5.32
CA ILE B 200 13.75 19.08 -6.65
C ILE B 200 14.83 20.15 -6.82
N ASN B 201 16.05 19.71 -7.01
CA ASN B 201 17.19 20.62 -7.10
C ASN B 201 17.18 21.57 -5.91
N GLY B 202 16.87 21.02 -4.72
CA GLY B 202 17.00 21.81 -3.51
C GLY B 202 15.77 22.53 -3.06
N THR B 203 14.66 22.52 -3.81
CA THR B 203 13.54 23.36 -3.35
C THR B 203 12.20 22.71 -3.59
N ALA B 204 11.18 23.18 -2.89
CA ALA B 204 9.81 22.78 -3.13
C ALA B 204 8.87 23.83 -2.50
N VAL B 205 7.60 23.70 -2.89
CA VAL B 205 6.59 24.54 -2.24
C VAL B 205 6.02 23.73 -1.08
N ASN B 206 5.78 24.39 0.05
CA ASN B 206 5.15 23.74 1.18
C ASN B 206 3.67 23.52 0.86
N PRO B 207 3.23 22.28 0.92
CA PRO B 207 1.91 21.94 0.41
C PRO B 207 0.81 22.60 1.24
N ASN B 208 1.08 23.00 2.47
CA ASN B 208 0.14 23.56 3.42
C ASN B 208 0.16 25.09 3.51
N THR B 209 1.30 25.73 3.44
CA THR B 209 1.42 27.17 3.65
C THR B 209 1.65 27.93 2.35
N GLY B 210 2.14 27.28 1.29
CA GLY B 210 2.44 28.00 0.07
C GLY B 210 3.86 28.55 0.09
N GLU B 211 4.56 28.35 1.21
CA GLU B 211 5.92 28.90 1.26
C GLU B 211 6.87 28.10 0.38
N GLY B 212 8.02 28.70 0.07
CA GLY B 212 9.02 28.06 -0.75
C GLY B 212 8.97 28.40 -2.22
N GLN B 213 9.63 27.58 -3.05
CA GLN B 213 9.53 27.82 -4.49
C GLN B 213 9.71 26.53 -5.29
N TYR B 214 9.15 26.55 -6.47
CA TYR B 214 9.33 25.45 -7.39
C TYR B 214 10.68 25.55 -8.07
N ALA B 215 11.40 24.46 -8.22
CA ALA B 215 12.58 24.52 -9.09
C ALA B 215 12.13 24.97 -10.48
N ASN B 216 12.98 25.75 -11.15
CA ASN B 216 12.62 26.36 -12.41
C ASN B 216 13.73 26.21 -13.42
N VAL B 217 13.52 25.37 -14.43
CA VAL B 217 14.47 25.03 -15.47
C VAL B 217 14.07 25.77 -16.73
N THR B 218 15.01 26.57 -17.28
CA THR B 218 14.66 27.29 -18.52
C THR B 218 15.28 26.55 -19.69
N LEU B 219 14.41 26.17 -20.62
CA LEU B 219 14.71 25.48 -21.85
C LEU B 219 14.92 26.47 -22.99
N THR B 220 15.91 26.23 -23.82
CA THR B 220 16.08 27.13 -24.96
C THR B 220 15.29 26.56 -26.13
N PRO B 221 14.31 27.26 -26.70
CA PRO B 221 13.46 26.69 -27.73
C PRO B 221 14.23 26.10 -28.90
N GLY B 222 13.82 24.92 -29.31
CA GLY B 222 14.41 24.18 -30.40
C GLY B 222 15.73 23.49 -30.05
N LYS B 223 16.21 23.60 -28.82
CA LYS B 223 17.48 22.94 -28.48
C LYS B 223 17.28 21.61 -27.75
N ARG B 224 18.32 20.77 -27.80
CA ARG B 224 18.35 19.50 -27.11
C ARG B 224 19.14 19.70 -25.81
N HIS B 225 18.56 19.33 -24.67
CA HIS B 225 19.13 19.63 -23.37
C HIS B 225 19.37 18.33 -22.61
N ARG B 226 20.60 18.15 -22.11
CA ARG B 226 20.88 17.05 -21.20
C ARG B 226 20.44 17.45 -19.79
N LEU B 227 19.71 16.52 -19.14
CA LEU B 227 19.25 16.71 -17.77
C LEU B 227 19.67 15.50 -16.96
N ARG B 228 20.40 15.71 -15.88
CA ARG B 228 21.02 14.65 -15.08
C ARG B 228 20.16 14.45 -13.84
N ILE B 229 19.21 13.51 -13.94
CA ILE B 229 18.26 13.31 -12.86
C ILE B 229 18.80 12.35 -11.83
N LEU B 230 18.68 12.61 -10.54
CA LEU B 230 19.09 11.68 -9.50
C LEU B 230 17.98 11.51 -8.48
N ASN B 231 17.95 10.33 -7.88
CA ASN B 231 17.13 10.14 -6.67
C ASN B 231 18.11 9.96 -5.50
N THR B 232 18.26 11.04 -4.71
CA THR B 232 19.17 10.95 -3.56
C THR B 232 18.47 10.76 -2.23
N SER B 233 17.27 10.23 -2.29
CA SER B 233 16.44 10.00 -1.10
C SER B 233 16.97 9.03 -0.07
N THR B 234 16.34 9.06 1.12
CA THR B 234 16.56 8.01 2.07
C THR B 234 15.55 6.84 1.88
N GLU B 235 14.36 7.10 1.36
CA GLU B 235 13.42 6.02 1.13
C GLU B 235 12.56 6.21 -0.12
N ASN B 236 12.11 7.42 -0.47
CA ASN B 236 11.13 7.52 -1.54
C ASN B 236 11.71 7.09 -2.89
N HIS B 237 10.91 6.36 -3.65
CA HIS B 237 11.22 5.97 -5.03
C HIS B 237 10.28 6.76 -5.93
N PHE B 238 10.79 7.41 -6.96
CA PHE B 238 9.98 8.39 -7.68
C PHE B 238 9.68 7.98 -9.10
N GLN B 239 8.54 8.41 -9.61
CA GLN B 239 8.31 8.41 -11.06
C GLN B 239 8.41 9.85 -11.54
N VAL B 240 9.06 10.11 -12.66
CA VAL B 240 9.19 11.49 -13.16
C VAL B 240 8.69 11.53 -14.59
N SER B 241 8.14 12.69 -14.95
CA SER B 241 7.56 12.95 -16.24
C SER B 241 7.46 14.45 -16.43
N LEU B 242 7.63 14.84 -17.69
CA LEU B 242 7.47 16.26 -18.06
C LEU B 242 6.24 16.41 -18.93
N VAL B 243 5.28 17.25 -18.53
CA VAL B 243 4.02 17.33 -19.29
C VAL B 243 4.24 17.71 -20.75
N ASN B 244 3.57 17.03 -21.69
CA ASN B 244 3.64 17.31 -23.11
C ASN B 244 4.98 16.91 -23.74
N HIS B 245 5.94 16.36 -23.00
CA HIS B 245 7.27 16.04 -23.54
C HIS B 245 7.60 14.57 -23.33
N THR B 246 8.45 13.98 -24.18
CA THR B 246 9.13 12.73 -23.86
C THR B 246 10.51 13.08 -23.31
N MET B 247 11.20 12.06 -22.78
CA MET B 247 12.59 12.16 -22.34
C MET B 247 13.39 11.05 -23.03
N THR B 248 14.59 11.29 -23.51
CA THR B 248 15.35 10.22 -24.13
C THR B 248 16.53 9.91 -23.23
N VAL B 249 16.50 8.71 -22.67
CA VAL B 249 17.56 8.23 -21.77
C VAL B 249 18.88 8.04 -22.52
N ILE B 250 19.97 8.63 -22.03
CA ILE B 250 21.26 8.33 -22.66
C ILE B 250 22.22 7.71 -21.67
N ALA B 251 21.85 7.58 -20.38
CA ALA B 251 22.69 6.85 -19.42
C ALA B 251 21.78 6.40 -18.25
N ALA B 252 22.14 5.29 -17.64
CA ALA B 252 21.51 4.74 -16.45
C ALA B 252 22.59 4.62 -15.38
N ASP B 253 22.35 5.26 -14.24
CA ASP B 253 23.39 5.37 -13.20
C ASP B 253 24.60 5.96 -13.93
N MET B 254 25.78 5.38 -13.82
CA MET B 254 26.98 5.92 -14.48
C MET B 254 27.33 5.14 -15.72
N VAL B 255 26.33 4.50 -16.36
CA VAL B 255 26.60 3.69 -17.57
C VAL B 255 25.89 4.25 -18.78
N PRO B 256 26.63 4.72 -19.79
CA PRO B 256 25.96 5.19 -21.01
C PRO B 256 25.17 4.08 -21.71
N VAL B 257 23.98 4.45 -22.17
CA VAL B 257 23.12 3.46 -22.85
C VAL B 257 22.70 4.03 -24.21
N ASN B 258 22.30 3.11 -25.11
CA ASN B 258 21.75 3.51 -26.39
C ASN B 258 20.49 4.32 -26.12
N ALA B 259 20.28 5.35 -26.92
CA ALA B 259 19.14 6.21 -26.70
C ALA B 259 17.81 5.46 -26.61
N MET B 260 17.05 5.86 -25.60
CA MET B 260 15.77 5.20 -25.34
C MET B 260 14.72 6.22 -24.93
N THR B 261 13.75 6.45 -25.81
CA THR B 261 12.74 7.49 -25.53
C THR B 261 11.58 6.95 -24.72
N VAL B 262 11.19 7.68 -23.68
CA VAL B 262 10.10 7.24 -22.81
C VAL B 262 9.23 8.43 -22.44
N ASP B 263 8.07 8.14 -21.88
CA ASP B 263 7.18 9.19 -21.41
C ASP B 263 7.43 9.49 -19.95
N SER B 264 7.94 8.49 -19.23
CA SER B 264 8.12 8.66 -17.79
C SER B 264 9.22 7.70 -17.33
N LEU B 265 9.83 7.94 -16.18
CA LEU B 265 10.93 7.13 -15.70
C LEU B 265 10.71 6.83 -14.20
N PHE B 266 11.03 5.63 -13.80
CA PHE B 266 11.14 5.24 -12.41
C PHE B 266 12.57 5.34 -11.92
N LEU B 267 12.81 6.07 -10.85
CA LEU B 267 14.11 6.09 -10.20
C LEU B 267 14.02 5.53 -8.79
N ALA B 268 14.64 4.37 -8.61
CA ALA B 268 14.84 3.84 -7.26
C ALA B 268 15.74 4.75 -6.45
N VAL B 269 15.75 4.61 -5.13
CA VAL B 269 16.74 5.33 -4.31
C VAL B 269 18.14 5.06 -4.81
N GLY B 270 18.87 6.12 -5.11
CA GLY B 270 20.26 5.96 -5.52
C GLY B 270 20.42 5.89 -7.01
N GLN B 271 19.32 5.69 -7.77
CA GLN B 271 19.48 5.63 -9.23
C GLN B 271 19.59 7.04 -9.82
N ARG B 272 20.23 7.05 -11.00
CA ARG B 272 20.30 8.23 -11.84
C ARG B 272 19.88 7.86 -13.25
N TYR B 273 19.33 8.86 -13.95
CA TYR B 273 19.18 8.78 -15.40
C TYR B 273 19.64 10.09 -16.04
N ASP B 274 20.45 9.99 -17.10
CA ASP B 274 20.72 11.19 -17.90
C ASP B 274 19.75 11.10 -19.09
N VAL B 275 19.03 12.18 -19.30
CA VAL B 275 18.12 12.17 -20.44
C VAL B 275 18.36 13.39 -21.33
N VAL B 276 17.91 13.29 -22.57
CA VAL B 276 17.90 14.47 -23.44
C VAL B 276 16.44 14.88 -23.64
N ILE B 277 16.18 16.17 -23.45
CA ILE B 277 14.86 16.75 -23.64
C ILE B 277 14.98 17.80 -24.76
N ASP B 278 14.09 17.58 -25.72
CA ASP B 278 14.08 18.45 -26.89
C ASP B 278 13.01 19.49 -26.69
N ALA B 279 13.41 20.76 -26.77
CA ALA B 279 12.40 21.80 -26.52
C ALA B 279 11.61 22.08 -27.80
N SER B 280 10.86 21.10 -28.24
CA SER B 280 10.16 21.11 -29.53
C SER B 280 8.67 21.37 -29.43
N ARG B 281 8.18 21.70 -28.25
CA ARG B 281 6.74 21.88 -28.05
C ARG B 281 6.43 23.36 -28.14
N ALA B 282 5.18 23.80 -28.00
CA ALA B 282 4.91 25.25 -28.03
C ALA B 282 5.56 25.96 -26.88
N PRO B 283 6.11 27.17 -27.02
CA PRO B 283 6.75 27.84 -25.87
C PRO B 283 5.71 28.08 -24.78
N ASP B 284 6.04 27.61 -23.58
CA ASP B 284 5.14 27.64 -22.44
C ASP B 284 5.89 27.19 -21.18
N ASN B 285 5.14 27.17 -20.10
CA ASN B 285 5.64 26.62 -18.84
C ASN B 285 4.99 25.26 -18.68
N TYR B 286 5.85 24.27 -18.43
CA TYR B 286 5.34 22.93 -18.25
C TYR B 286 5.73 22.30 -16.92
N TRP B 287 4.80 21.57 -16.30
CA TRP B 287 5.17 20.87 -15.07
C TRP B 287 6.07 19.65 -15.32
N PHE B 288 7.07 19.51 -14.46
CA PHE B 288 7.86 18.30 -14.27
C PHE B 288 7.28 17.65 -13.03
N ASN B 289 6.58 16.52 -13.14
CA ASN B 289 5.95 15.97 -11.96
C ASN B 289 6.68 14.81 -11.33
N VAL B 290 6.68 14.78 -10.02
CA VAL B 290 7.09 13.59 -9.25
C VAL B 290 5.83 12.85 -8.80
N THR B 291 5.78 11.57 -9.13
CA THR B 291 4.63 10.76 -8.76
C THR B 291 5.11 9.45 -8.14
N PHE B 292 4.15 8.81 -7.47
CA PHE B 292 4.42 7.53 -6.84
C PHE B 292 3.56 6.44 -7.45
N GLY B 293 4.13 5.24 -7.57
CA GLY B 293 3.27 4.15 -8.07
C GLY B 293 3.45 3.00 -7.11
N GLY B 294 3.09 1.77 -7.54
CA GLY B 294 3.27 0.65 -6.66
C GLY B 294 2.45 0.67 -5.38
N GLN B 295 1.30 1.32 -5.35
CA GLN B 295 0.45 1.43 -4.16
C GLN B 295 1.25 1.69 -2.89
N ALA B 296 2.10 2.71 -2.97
CA ALA B 296 2.88 3.12 -1.79
C ALA B 296 3.91 2.12 -1.30
N ALA B 297 4.17 1.05 -2.04
CA ALA B 297 5.08 0.04 -1.56
C ALA B 297 6.53 0.52 -1.57
N CYS B 298 6.79 1.59 -2.32
CA CYS B 298 8.16 2.11 -2.25
C CYS B 298 8.13 3.63 -2.07
N GLY B 299 7.15 4.03 -1.25
CA GLY B 299 7.10 5.35 -0.69
C GLY B 299 5.92 6.21 -1.09
N GLY B 300 5.80 7.32 -0.36
CA GLY B 300 4.84 8.36 -0.63
C GLY B 300 5.29 9.68 -0.01
N SER B 301 4.55 10.72 -0.40
CA SER B 301 4.81 12.02 0.22
C SER B 301 3.52 12.68 0.70
N LEU B 302 3.63 13.49 1.76
CA LEU B 302 2.48 14.25 2.23
C LEU B 302 2.26 15.45 1.34
N ASN B 303 3.23 15.80 0.48
CA ASN B 303 2.95 16.74 -0.61
C ASN B 303 2.31 15.93 -1.74
N PRO B 304 1.02 16.13 -2.07
CA PRO B 304 0.40 15.25 -3.05
C PRO B 304 0.89 15.50 -4.45
N HIS B 305 1.54 16.62 -4.76
CA HIS B 305 2.00 16.92 -6.12
C HIS B 305 3.35 17.63 -6.21
N PRO B 306 4.45 17.02 -5.78
CA PRO B 306 5.73 17.71 -5.88
C PRO B 306 6.03 17.90 -7.37
N ALA B 307 6.60 19.05 -7.72
CA ALA B 307 6.77 19.42 -9.11
C ALA B 307 7.80 20.52 -9.25
N ALA B 308 8.31 20.66 -10.44
CA ALA B 308 9.22 21.69 -10.89
C ALA B 308 8.59 22.30 -12.15
N ILE B 309 9.11 23.46 -12.55
CA ILE B 309 8.63 24.18 -13.73
C ILE B 309 9.69 24.14 -14.81
N PHE B 310 9.31 23.73 -16.03
CA PHE B 310 10.22 23.83 -17.17
C PHE B 310 9.68 24.97 -18.04
N HIS B 311 10.45 26.06 -18.06
CA HIS B 311 10.01 27.28 -18.76
C HIS B 311 10.73 27.47 -20.09
N TYR B 312 10.02 27.62 -21.21
CA TYR B 312 10.67 27.96 -22.46
C TYR B 312 11.14 29.41 -22.42
N ALA B 313 12.44 29.63 -22.65
CA ALA B 313 12.91 31.02 -22.68
C ALA B 313 12.12 31.81 -23.71
N GLY B 314 11.77 33.01 -23.28
CA GLY B 314 10.94 33.80 -24.23
C GLY B 314 9.46 33.70 -23.92
N ALA B 315 9.01 32.72 -23.15
CA ALA B 315 7.59 32.59 -22.86
C ALA B 315 7.18 33.42 -21.64
N PRO B 316 5.88 33.57 -21.37
CA PRO B 316 5.46 34.24 -20.13
C PRO B 316 5.99 33.57 -18.88
N GLY B 317 6.10 34.26 -17.78
CA GLY B 317 6.42 33.68 -16.48
C GLY B 317 5.15 33.04 -15.93
N GLY B 318 5.11 32.71 -14.64
CA GLY B 318 3.93 32.14 -13.99
C GLY B 318 3.89 30.63 -13.95
N LEU B 319 2.79 30.04 -13.50
CA LEU B 319 2.75 28.60 -13.31
C LEU B 319 2.21 27.90 -14.55
N PRO B 320 2.70 26.68 -14.78
CA PRO B 320 2.11 25.84 -15.82
C PRO B 320 0.59 25.73 -15.59
N THR B 321 -0.16 25.61 -16.67
CA THR B 321 -1.61 25.56 -16.56
C THR B 321 -2.14 24.19 -16.97
N ASP B 322 -1.29 23.34 -17.54
CA ASP B 322 -1.68 22.01 -18.01
C ASP B 322 -1.29 21.00 -16.94
N GLU B 323 -2.20 20.38 -16.23
CA GLU B 323 -1.82 19.44 -15.17
C GLU B 323 -1.35 18.10 -15.69
N GLY B 324 -1.61 17.88 -16.97
CA GLY B 324 -1.25 16.67 -17.67
C GLY B 324 -1.95 15.43 -17.17
N THR B 325 -1.53 14.28 -17.72
CA THR B 325 -2.12 13.06 -17.18
C THR B 325 -1.09 12.29 -16.35
N PRO B 326 -1.58 11.47 -15.44
CA PRO B 326 -0.70 10.69 -14.59
C PRO B 326 0.00 9.62 -15.42
N PRO B 327 1.24 9.34 -15.05
CA PRO B 327 2.05 8.43 -15.86
C PRO B 327 1.57 7.02 -15.56
N VAL B 328 2.02 6.11 -16.40
CA VAL B 328 1.86 4.71 -16.10
C VAL B 328 2.45 4.40 -14.72
N ASP B 329 1.81 3.51 -14.02
CA ASP B 329 2.28 3.00 -12.73
C ASP B 329 3.46 2.08 -12.98
N HIS B 330 4.64 2.48 -12.50
CA HIS B 330 5.83 1.65 -12.70
C HIS B 330 5.96 0.54 -11.67
N GLN B 331 5.06 0.49 -10.69
CA GLN B 331 4.98 -0.64 -9.77
C GLN B 331 6.28 -0.86 -9.05
N CYS B 332 6.96 0.22 -8.68
CA CYS B 332 8.19 0.10 -7.91
C CYS B 332 9.26 -0.71 -8.65
N LEU B 333 9.28 -0.66 -9.98
CA LEU B 333 10.26 -1.42 -10.75
C LEU B 333 11.01 -0.54 -11.72
N ASP B 334 12.34 -0.59 -11.78
CA ASP B 334 13.04 0.08 -12.86
C ASP B 334 12.98 -0.72 -14.17
N THR B 335 13.23 -0.04 -15.28
CA THR B 335 13.06 -0.65 -16.58
C THR B 335 14.27 -1.51 -16.92
N LEU B 336 14.02 -2.68 -17.46
CA LEU B 336 15.14 -3.53 -17.88
C LEU B 336 15.35 -3.41 -19.39
N ASP B 337 14.84 -2.34 -20.01
CA ASP B 337 14.97 -2.17 -21.44
C ASP B 337 16.22 -1.40 -21.87
N VAL B 338 16.96 -0.85 -20.90
CA VAL B 338 18.16 -0.09 -21.28
C VAL B 338 19.27 -1.06 -21.72
N ARG B 339 20.06 -0.59 -22.67
CA ARG B 339 21.13 -1.37 -23.29
C ARG B 339 22.43 -0.55 -23.32
N PRO B 340 23.41 -0.95 -22.53
CA PRO B 340 24.68 -0.21 -22.53
C PRO B 340 25.31 -0.07 -23.90
N VAL B 341 25.95 1.07 -24.14
CA VAL B 341 26.63 1.27 -25.41
C VAL B 341 27.81 0.30 -25.51
N VAL B 342 28.61 0.20 -24.45
CA VAL B 342 29.72 -0.76 -24.36
C VAL B 342 29.12 -2.06 -23.84
N PRO B 343 28.99 -3.11 -24.67
CA PRO B 343 28.25 -4.29 -24.23
C PRO B 343 29.05 -5.27 -23.40
N ARG B 344 28.29 -6.10 -22.67
CA ARG B 344 28.83 -7.27 -21.96
C ARG B 344 27.99 -8.48 -22.35
N SER B 345 28.61 -9.66 -22.35
CA SER B 345 27.81 -10.85 -22.63
C SER B 345 28.16 -11.93 -21.63
N VAL B 346 27.18 -12.57 -21.02
CA VAL B 346 27.52 -13.67 -20.12
C VAL B 346 26.52 -14.80 -20.36
N PRO B 347 26.94 -16.03 -20.13
CA PRO B 347 25.98 -17.15 -20.24
C PRO B 347 25.02 -17.15 -19.06
N VAL B 348 23.78 -17.48 -19.36
CA VAL B 348 22.82 -17.64 -18.27
C VAL B 348 22.28 -19.05 -18.21
N ASN B 349 22.46 -19.81 -19.31
CA ASN B 349 21.91 -21.15 -19.39
C ASN B 349 22.49 -22.08 -18.33
N SER B 350 23.69 -21.75 -17.85
CA SER B 350 24.43 -22.55 -16.92
C SER B 350 24.23 -22.19 -15.46
N PHE B 351 23.43 -21.17 -15.19
CA PHE B 351 23.23 -20.86 -13.78
C PHE B 351 22.56 -22.01 -13.03
N VAL B 352 23.04 -22.33 -11.85
CA VAL B 352 22.37 -23.24 -10.93
C VAL B 352 22.30 -22.63 -9.52
N LYS B 353 21.10 -22.54 -8.99
CA LYS B 353 20.90 -21.97 -7.64
C LYS B 353 21.52 -22.91 -6.61
N ARG B 354 22.36 -22.35 -5.74
CA ARG B 354 23.06 -23.08 -4.68
C ARG B 354 23.14 -22.19 -3.44
N PRO B 355 23.28 -22.76 -2.27
CA PRO B 355 23.38 -21.87 -1.07
C PRO B 355 24.45 -20.81 -1.22
N ASP B 356 25.56 -21.18 -1.87
CA ASP B 356 26.67 -20.23 -1.96
C ASP B 356 26.52 -19.20 -3.05
N ASN B 357 25.42 -19.19 -3.80
CA ASN B 357 25.20 -18.04 -4.68
C ASN B 357 23.82 -17.42 -4.42
N THR B 358 23.25 -17.73 -3.28
CA THR B 358 21.89 -17.27 -2.99
C THR B 358 21.87 -16.42 -1.72
N LEU B 359 21.22 -15.29 -1.80
CA LEU B 359 21.12 -14.31 -0.72
C LEU B 359 19.65 -14.12 -0.34
N PRO B 360 19.17 -14.91 0.59
CA PRO B 360 17.78 -14.74 1.03
C PRO B 360 17.61 -13.55 2.00
N VAL B 361 16.75 -12.63 1.59
CA VAL B 361 16.43 -11.47 2.43
C VAL B 361 15.20 -11.88 3.25
N ALA B 362 15.17 -11.56 4.54
CA ALA B 362 14.02 -11.87 5.38
C ALA B 362 13.80 -10.78 6.42
N LEU B 363 12.54 -10.46 6.67
CA LEU B 363 12.21 -9.62 7.82
C LEU B 363 11.96 -10.49 9.05
N ASP B 364 12.66 -10.24 10.12
CA ASP B 364 12.54 -10.99 11.36
C ASP B 364 11.76 -10.16 12.36
N LEU B 365 10.58 -10.63 12.74
CA LEU B 365 9.70 -9.89 13.66
C LEU B 365 9.79 -10.42 15.07
N THR B 366 10.71 -11.33 15.30
CA THR B 366 10.69 -12.08 16.56
C THR B 366 11.66 -11.57 17.60
N GLY B 367 12.42 -10.52 17.32
CA GLY B 367 13.50 -10.05 18.17
C GLY B 367 13.19 -8.66 18.69
N THR B 368 14.27 -8.00 19.06
CA THR B 368 14.19 -6.60 19.50
C THR B 368 15.17 -5.88 18.61
N PRO B 369 14.80 -4.82 17.93
CA PRO B 369 13.45 -4.27 17.91
C PRO B 369 12.58 -5.08 16.98
N LEU B 370 11.41 -4.57 16.65
CA LEU B 370 10.48 -5.36 15.85
C LEU B 370 10.94 -5.57 14.41
N PHE B 371 11.45 -4.52 13.74
CA PHE B 371 11.79 -4.69 12.34
C PHE B 371 13.31 -4.80 12.16
N VAL B 372 13.73 -6.05 11.91
CA VAL B 372 15.15 -6.37 11.74
C VAL B 372 15.25 -7.13 10.42
N TRP B 373 16.13 -6.65 9.54
CA TRP B 373 16.29 -7.21 8.22
C TRP B 373 17.51 -8.14 8.22
N LYS B 374 17.32 -9.35 7.69
CA LYS B 374 18.41 -10.30 7.70
C LYS B 374 18.72 -10.76 6.27
N VAL B 375 20.01 -10.99 6.02
CA VAL B 375 20.38 -11.58 4.72
C VAL B 375 21.14 -12.85 5.00
N ASN B 376 20.67 -13.95 4.42
CA ASN B 376 21.24 -15.26 4.73
C ASN B 376 21.30 -15.50 6.23
N GLY B 377 20.28 -15.02 6.96
CA GLY B 377 20.19 -15.41 8.37
C GLY B 377 20.73 -14.41 9.37
N SER B 378 21.34 -13.33 8.86
CA SER B 378 22.00 -12.37 9.74
C SER B 378 21.73 -10.93 9.38
N ASP B 379 21.35 -10.11 10.37
CA ASP B 379 21.31 -8.65 10.16
C ASP B 379 22.71 -8.06 10.29
N ILE B 380 23.16 -7.33 9.29
CA ILE B 380 24.58 -6.85 9.35
C ILE B 380 24.76 -5.91 10.53
N ASN B 381 25.92 -5.92 11.14
CA ASN B 381 26.22 -4.94 12.19
C ASN B 381 27.72 -4.72 12.14
N VAL B 382 28.16 -3.57 11.64
CA VAL B 382 29.61 -3.41 11.44
C VAL B 382 30.25 -2.80 12.68
N ASP B 383 31.55 -2.94 12.80
CA ASP B 383 32.25 -2.33 13.93
C ASP B 383 33.04 -1.14 13.38
N TRP B 384 32.54 0.05 13.68
CA TRP B 384 33.21 1.28 13.26
C TRP B 384 34.66 1.37 13.71
N GLY B 385 34.98 0.73 14.82
CA GLY B 385 36.31 0.71 15.39
C GLY B 385 37.19 -0.45 14.96
N LYS B 386 36.65 -1.41 14.20
CA LYS B 386 37.45 -2.50 13.66
C LYS B 386 36.94 -2.89 12.28
N PRO B 387 37.25 -2.04 11.30
CA PRO B 387 36.76 -2.28 9.93
C PRO B 387 37.32 -3.56 9.33
N ILE B 388 36.54 -4.16 8.44
CA ILE B 388 37.06 -5.34 7.73
C ILE B 388 38.45 -5.11 7.17
N ILE B 389 38.79 -3.91 6.67
CA ILE B 389 40.18 -3.71 6.18
C ILE B 389 41.22 -3.87 7.28
N ASP B 390 40.84 -3.62 8.53
CA ASP B 390 41.80 -3.84 9.63
C ASP B 390 42.19 -5.31 9.72
N TYR B 391 41.21 -6.18 9.44
CA TYR B 391 41.45 -7.62 9.47
C TYR B 391 42.40 -8.01 8.34
N ILE B 392 42.15 -7.42 7.16
CA ILE B 392 43.01 -7.69 6.00
C ILE B 392 44.45 -7.29 6.32
N LEU B 393 44.61 -6.12 6.92
CA LEU B 393 45.96 -5.57 7.14
C LEU B 393 46.71 -6.26 8.28
N THR B 394 45.97 -6.99 9.12
CA THR B 394 46.62 -7.67 10.23
C THR B 394 46.61 -9.18 10.02
N GLY B 395 46.25 -9.60 8.82
CA GLY B 395 46.27 -11.04 8.53
C GLY B 395 45.30 -11.80 9.40
N ASN B 396 44.13 -11.25 9.66
CA ASN B 396 43.15 -11.83 10.57
C ASN B 396 41.94 -12.28 9.76
N THR B 397 41.62 -13.58 9.74
CA THR B 397 40.50 -14.03 8.92
C THR B 397 39.30 -14.43 9.77
N SER B 398 39.30 -14.09 11.03
CA SER B 398 38.14 -14.46 11.84
C SER B 398 37.09 -13.36 11.81
N TYR B 399 36.48 -13.19 10.63
CA TYR B 399 35.45 -12.14 10.53
C TYR B 399 34.23 -12.44 11.38
N PRO B 400 33.71 -11.49 12.15
CA PRO B 400 32.47 -11.77 12.89
C PRO B 400 31.31 -12.13 11.96
N VAL B 401 30.40 -12.97 12.42
CA VAL B 401 29.21 -13.36 11.70
C VAL B 401 28.41 -12.15 11.27
N SER B 402 28.29 -11.17 12.16
CA SER B 402 27.49 -10.00 11.87
C SER B 402 28.09 -9.10 10.79
N ASP B 403 29.32 -9.35 10.39
CA ASP B 403 29.83 -8.58 9.23
C ASP B 403 29.31 -9.13 7.93
N ASN B 404 28.63 -10.25 7.94
CA ASN B 404 27.94 -10.78 6.74
C ASN B 404 28.93 -10.87 5.56
N ILE B 405 30.10 -11.41 5.86
CA ILE B 405 31.09 -11.54 4.81
C ILE B 405 30.74 -12.67 3.84
N VAL B 406 30.78 -12.32 2.58
CA VAL B 406 30.61 -13.28 1.48
C VAL B 406 31.92 -13.22 0.71
N GLN B 407 32.76 -14.20 1.04
CA GLN B 407 34.11 -14.16 0.46
C GLN B 407 34.11 -14.73 -0.97
N VAL B 408 34.63 -13.95 -1.91
CA VAL B 408 34.63 -14.31 -3.32
C VAL B 408 36.08 -14.38 -3.83
N ASP B 409 36.55 -15.61 -3.98
CA ASP B 409 37.97 -15.80 -4.31
C ASP B 409 38.23 -15.86 -5.80
N ALA B 410 37.23 -16.06 -6.63
CA ALA B 410 37.42 -16.09 -8.08
C ALA B 410 38.12 -14.84 -8.61
N VAL B 411 39.07 -15.04 -9.51
CA VAL B 411 39.83 -13.91 -10.02
C VAL B 411 39.36 -13.49 -11.40
N ASP B 412 38.76 -12.30 -11.41
CA ASP B 412 38.34 -11.65 -12.63
C ASP B 412 37.42 -12.56 -13.44
N GLN B 413 36.43 -13.11 -12.71
CA GLN B 413 35.45 -13.98 -13.35
C GLN B 413 34.06 -13.46 -13.02
N TRP B 414 33.11 -13.82 -13.89
CA TRP B 414 31.74 -13.46 -13.58
C TRP B 414 31.22 -14.31 -12.44
N THR B 415 30.54 -13.62 -11.52
CA THR B 415 29.97 -14.33 -10.39
C THR B 415 28.48 -13.97 -10.37
N TYR B 416 27.71 -14.97 -10.04
CA TYR B 416 26.25 -14.85 -10.17
C TYR B 416 25.56 -14.93 -8.84
N TRP B 417 24.55 -14.08 -8.59
CA TRP B 417 23.96 -13.88 -7.25
C TRP B 417 22.45 -13.82 -7.38
N LEU B 418 21.76 -14.75 -6.73
CA LEU B 418 20.29 -14.79 -6.72
C LEU B 418 19.85 -14.22 -5.38
N ILE B 419 19.15 -13.11 -5.46
CA ILE B 419 18.61 -12.50 -4.22
C ILE B 419 17.14 -12.82 -4.13
N GLU B 420 16.73 -13.35 -2.99
CA GLU B 420 15.34 -13.77 -2.81
C GLU B 420 14.63 -12.89 -1.80
N ASN B 421 13.47 -12.38 -2.17
CA ASN B 421 12.81 -11.37 -1.35
C ASN B 421 11.80 -11.99 -0.38
N ASP B 422 12.28 -12.64 0.67
CA ASP B 422 11.41 -13.16 1.73
C ASP B 422 10.15 -13.83 1.19
N PRO B 423 10.24 -14.72 0.19
CA PRO B 423 9.04 -15.22 -0.48
C PRO B 423 8.16 -16.05 0.43
N GLU B 424 8.70 -16.56 1.52
CA GLU B 424 7.90 -17.31 2.49
C GLU B 424 7.48 -16.49 3.73
N GLY B 425 7.84 -15.21 3.78
CA GLY B 425 7.49 -14.34 4.91
C GLY B 425 6.03 -13.90 4.77
N PRO B 426 5.43 -13.28 5.80
CA PRO B 426 4.04 -12.83 5.78
C PRO B 426 3.82 -11.72 4.80
N PHE B 427 4.86 -10.96 4.50
CA PHE B 427 4.69 -9.93 3.48
C PHE B 427 6.07 -9.56 2.97
N SER B 428 6.11 -8.86 1.86
CA SER B 428 7.42 -8.57 1.25
C SER B 428 7.32 -7.25 0.52
N LEU B 429 8.43 -6.50 0.58
CA LEU B 429 8.49 -5.15 0.08
C LEU B 429 9.51 -4.96 -1.04
N PRO B 430 9.36 -4.03 -1.97
CA PRO B 430 10.43 -3.76 -2.92
C PRO B 430 11.67 -3.23 -2.16
N HIS B 431 12.85 -3.61 -2.67
CA HIS B 431 14.10 -3.08 -2.12
C HIS B 431 15.05 -2.62 -3.22
N PRO B 432 15.57 -1.42 -3.17
CA PRO B 432 16.57 -0.98 -4.16
C PRO B 432 17.95 -1.46 -3.74
N MET B 433 18.40 -2.49 -4.47
CA MET B 433 19.68 -3.13 -4.15
C MET B 433 20.85 -2.45 -4.86
N HIS B 434 21.89 -2.18 -4.08
CA HIS B 434 23.02 -1.37 -4.58
C HIS B 434 24.32 -2.06 -4.26
N LEU B 435 25.23 -2.15 -5.23
CA LEU B 435 26.56 -2.77 -5.07
C LEU B 435 27.65 -1.73 -5.15
N HIS B 436 28.53 -1.71 -4.14
CA HIS B 436 29.75 -0.92 -4.18
C HIS B 436 30.80 -1.61 -5.07
N GLY B 437 31.71 -0.80 -5.65
CA GLY B 437 32.91 -1.30 -6.28
C GLY B 437 32.74 -1.80 -7.71
N HIS B 438 31.50 -1.87 -8.22
CA HIS B 438 31.19 -2.52 -9.48
C HIS B 438 29.86 -2.00 -10.02
N ASP B 439 29.70 -2.01 -11.33
CA ASP B 439 28.36 -2.14 -11.92
C ASP B 439 28.03 -3.61 -12.04
N PHE B 440 26.79 -4.02 -11.79
CA PHE B 440 26.43 -5.41 -12.06
C PHE B 440 25.59 -5.48 -13.33
N LEU B 441 25.44 -6.69 -13.87
CA LEU B 441 24.50 -6.97 -14.93
C LEU B 441 23.19 -7.44 -14.28
N VAL B 442 22.05 -6.92 -14.76
CA VAL B 442 20.76 -7.39 -14.27
C VAL B 442 20.26 -8.49 -15.22
N LEU B 443 20.51 -9.73 -14.83
CA LEU B 443 20.21 -10.85 -15.72
C LEU B 443 18.75 -11.20 -15.77
N GLY B 444 18.02 -10.86 -14.72
CA GLY B 444 16.58 -11.16 -14.75
C GLY B 444 15.98 -10.96 -13.38
N ARG B 445 14.65 -11.02 -13.35
CA ARG B 445 13.94 -10.93 -12.08
C ARG B 445 12.62 -11.67 -12.24
N SER B 446 11.92 -11.83 -11.12
CA SER B 446 10.61 -12.48 -11.16
C SER B 446 9.65 -11.66 -11.99
N PRO B 447 8.58 -12.29 -12.49
CA PRO B 447 7.72 -11.56 -13.42
C PRO B 447 7.17 -10.25 -12.85
N ASP B 448 7.02 -9.23 -13.69
CA ASP B 448 6.57 -7.92 -13.19
C ASP B 448 5.09 -7.99 -12.81
N VAL B 449 4.75 -7.78 -11.54
CA VAL B 449 3.34 -7.76 -11.11
C VAL B 449 3.13 -6.50 -10.25
N PRO B 450 1.93 -6.11 -9.90
CA PRO B 450 1.75 -4.94 -9.04
C PRO B 450 2.40 -5.15 -7.68
N ALA B 451 3.08 -4.10 -7.23
CA ALA B 451 3.97 -4.21 -6.06
C ALA B 451 3.25 -4.60 -4.78
N ALA B 452 1.95 -4.26 -4.69
CA ALA B 452 1.20 -4.55 -3.49
C ALA B 452 0.37 -5.82 -3.62
N SER B 453 0.51 -6.43 -4.79
CA SER B 453 -0.39 -7.55 -5.05
C SER B 453 -0.08 -8.79 -4.24
N GLN B 454 1.00 -8.88 -3.48
CA GLN B 454 1.25 -10.06 -2.65
C GLN B 454 1.62 -11.31 -3.41
N GLN B 455 1.76 -11.22 -4.72
CA GLN B 455 2.20 -12.38 -5.50
C GLN B 455 3.68 -12.72 -5.29
N ARG B 456 3.97 -13.97 -5.03
CA ARG B 456 5.30 -14.46 -4.67
C ARG B 456 5.85 -15.38 -5.74
N PHE B 457 7.15 -15.35 -5.94
CA PHE B 457 7.84 -16.20 -6.90
C PHE B 457 9.10 -16.75 -6.25
N VAL B 458 9.33 -18.02 -6.48
CA VAL B 458 10.64 -18.56 -6.10
C VAL B 458 11.33 -19.02 -7.39
N PHE B 459 12.62 -18.82 -7.56
CA PHE B 459 13.33 -19.11 -8.80
C PHE B 459 13.09 -20.58 -9.16
N ASP B 460 12.61 -20.81 -10.38
CA ASP B 460 12.41 -22.18 -10.86
C ASP B 460 13.04 -22.32 -12.24
N PRO B 461 14.14 -23.05 -12.38
CA PRO B 461 14.86 -23.04 -13.68
C PRO B 461 14.04 -23.41 -14.91
N ALA B 462 13.02 -24.23 -14.71
CA ALA B 462 12.13 -24.74 -15.76
C ALA B 462 11.36 -23.64 -16.43
N VAL B 463 11.11 -22.55 -15.66
CA VAL B 463 10.50 -21.41 -16.31
C VAL B 463 11.42 -20.19 -16.32
N ASP B 464 12.34 -20.11 -15.36
CA ASP B 464 13.07 -18.82 -15.21
C ASP B 464 14.38 -18.72 -15.97
N LEU B 465 15.07 -19.83 -16.24
CA LEU B 465 16.25 -19.65 -17.07
C LEU B 465 15.95 -18.99 -18.39
N ALA B 466 14.80 -19.32 -19.00
CA ALA B 466 14.49 -18.75 -20.30
C ALA B 466 14.14 -17.27 -20.24
N ARG B 467 13.84 -16.81 -19.02
CA ARG B 467 13.57 -15.41 -18.76
C ARG B 467 14.80 -14.55 -18.49
N LEU B 468 15.97 -15.12 -18.41
CA LEU B 468 17.24 -14.43 -18.11
C LEU B 468 17.81 -13.89 -19.41
N ASN B 469 18.53 -12.77 -19.35
CA ASN B 469 19.10 -12.13 -20.52
C ASN B 469 20.57 -11.88 -20.20
N GLY B 470 21.47 -12.58 -20.86
CA GLY B 470 22.89 -12.29 -20.74
C GLY B 470 23.50 -11.64 -21.96
N ASP B 471 22.69 -11.20 -22.91
CA ASP B 471 23.14 -10.50 -24.11
C ASP B 471 22.97 -9.01 -23.92
N ASN B 472 24.03 -8.39 -23.39
CA ASN B 472 24.10 -6.99 -23.05
C ASN B 472 22.89 -6.54 -22.23
N PRO B 473 22.65 -7.15 -21.07
CA PRO B 473 21.52 -6.76 -20.20
C PRO B 473 21.86 -5.41 -19.57
N PRO B 474 20.90 -4.78 -18.90
CA PRO B 474 21.17 -3.56 -18.15
C PRO B 474 22.37 -3.76 -17.22
N ARG B 475 23.21 -2.73 -17.22
CA ARG B 475 24.42 -2.70 -16.40
C ARG B 475 24.42 -1.41 -15.59
N ARG B 476 24.42 -1.53 -14.27
CA ARG B 476 24.25 -0.30 -13.46
C ARG B 476 24.60 -0.64 -12.02
N ASP B 477 24.44 0.31 -11.09
CA ASP B 477 24.87 0.01 -9.72
C ASP B 477 23.70 -0.14 -8.74
N THR B 478 22.47 0.12 -9.18
CA THR B 478 21.28 -0.04 -8.33
C THR B 478 20.13 -0.60 -9.15
N THR B 479 19.39 -1.56 -8.64
CA THR B 479 18.20 -2.05 -9.39
C THR B 479 17.21 -2.60 -8.40
N MET B 480 15.96 -2.84 -8.80
CA MET B 480 14.96 -3.27 -7.82
C MET B 480 14.86 -4.77 -7.63
N LEU B 481 14.81 -5.17 -6.34
CA LEU B 481 14.40 -6.49 -5.93
C LEU B 481 12.88 -6.45 -5.82
N PRO B 482 12.14 -7.14 -6.68
CA PRO B 482 10.68 -7.06 -6.67
C PRO B 482 10.12 -7.60 -5.36
N ALA B 483 9.08 -6.96 -4.83
CA ALA B 483 8.34 -7.53 -3.72
C ALA B 483 7.95 -8.99 -3.99
N GLY B 484 8.24 -9.83 -3.03
CA GLY B 484 7.81 -11.21 -3.01
C GLY B 484 8.55 -12.09 -3.99
N GLY B 485 9.57 -11.59 -4.67
CA GLY B 485 10.15 -12.28 -5.79
C GLY B 485 11.62 -12.52 -5.68
N TRP B 486 12.34 -12.37 -6.80
CA TRP B 486 13.78 -12.62 -6.80
C TRP B 486 14.42 -11.77 -7.90
N LEU B 487 15.77 -11.67 -7.78
CA LEU B 487 16.58 -10.88 -8.67
C LEU B 487 17.87 -11.64 -8.95
N LEU B 488 18.27 -11.72 -10.20
CA LEU B 488 19.57 -12.38 -10.49
C LEU B 488 20.54 -11.41 -11.11
N LEU B 489 21.69 -11.25 -10.44
CA LEU B 489 22.71 -10.28 -10.81
C LEU B 489 24.02 -11.00 -11.11
N ALA B 490 24.84 -10.33 -11.91
CA ALA B 490 26.24 -10.83 -12.00
C ALA B 490 27.19 -9.64 -12.00
N PHE B 491 28.38 -9.93 -11.46
CA PHE B 491 29.46 -8.96 -11.58
C PHE B 491 30.78 -9.73 -11.71
N ARG B 492 31.73 -9.08 -12.36
CA ARG B 492 33.04 -9.65 -12.59
C ARG B 492 34.04 -9.21 -11.53
N THR B 493 34.83 -10.13 -11.02
CA THR B 493 35.66 -9.87 -9.85
C THR B 493 37.01 -9.27 -10.25
N ASP B 494 36.86 -8.04 -10.74
CA ASP B 494 37.96 -7.25 -11.24
C ASP B 494 38.50 -6.21 -10.25
N ASN B 495 38.12 -6.29 -8.96
CA ASN B 495 38.44 -5.16 -8.07
C ASN B 495 38.54 -5.66 -6.65
N PRO B 496 39.70 -6.17 -6.22
CA PRO B 496 39.81 -6.70 -4.86
C PRO B 496 39.43 -5.63 -3.84
N GLY B 497 38.70 -6.06 -2.82
CA GLY B 497 38.19 -5.03 -1.88
C GLY B 497 37.07 -5.63 -1.07
N ALA B 498 36.71 -4.90 -0.03
CA ALA B 498 35.51 -5.23 0.75
C ALA B 498 34.39 -4.28 0.30
N TRP B 499 33.36 -4.87 -0.31
CA TRP B 499 32.33 -4.13 -1.03
C TRP B 499 30.95 -4.39 -0.44
N LEU B 500 30.30 -3.36 0.11
CA LEU B 500 28.94 -3.54 0.57
C LEU B 500 27.97 -3.81 -0.59
N PHE B 501 26.98 -4.67 -0.32
CA PHE B 501 25.86 -4.88 -1.23
C PHE B 501 24.60 -4.80 -0.36
N HIS B 502 23.77 -3.78 -0.59
CA HIS B 502 22.78 -3.49 0.45
C HIS B 502 21.56 -2.80 -0.15
N CYS B 503 20.47 -2.90 0.61
CA CYS B 503 19.31 -2.07 0.22
C CYS B 503 19.65 -0.62 0.50
N HIS B 504 19.29 0.30 -0.38
CA HIS B 504 19.62 1.70 -0.18
C HIS B 504 18.50 2.43 0.55
N ILE B 505 17.40 1.77 0.94
CA ILE B 505 16.49 2.48 1.86
C ILE B 505 17.17 2.59 3.21
N ALA B 506 17.38 3.83 3.67
CA ALA B 506 18.18 4.04 4.88
C ALA B 506 17.69 3.20 6.04
N TRP B 507 16.38 3.14 6.19
CA TRP B 507 15.81 2.43 7.36
C TRP B 507 16.11 0.96 7.32
N HIS B 508 16.21 0.38 6.12
CA HIS B 508 16.42 -1.04 5.97
C HIS B 508 17.89 -1.40 6.14
N VAL B 509 18.81 -0.62 5.57
CA VAL B 509 20.23 -0.99 5.78
C VAL B 509 20.61 -0.69 7.23
N SER B 510 20.05 0.38 7.84
CA SER B 510 20.21 0.51 9.28
C SER B 510 19.74 -0.71 10.03
N GLY B 511 18.62 -1.29 9.55
CA GLY B 511 18.01 -2.47 10.17
C GLY B 511 18.68 -3.78 9.83
N GLY B 512 19.75 -3.79 9.03
CA GLY B 512 20.55 -4.99 8.86
C GLY B 512 20.66 -5.45 7.42
N LEU B 513 20.00 -4.78 6.47
CA LEU B 513 19.87 -5.36 5.12
C LEU B 513 21.08 -5.09 4.26
N SER B 514 22.13 -5.87 4.44
CA SER B 514 23.36 -5.76 3.70
C SER B 514 24.16 -7.05 3.82
N VAL B 515 25.00 -7.28 2.81
CA VAL B 515 26.11 -8.18 3.04
C VAL B 515 27.37 -7.40 2.65
N ASP B 516 28.51 -8.05 2.78
CA ASP B 516 29.82 -7.41 2.43
C ASP B 516 30.57 -8.43 1.59
N PHE B 517 30.71 -8.16 0.32
CA PHE B 517 31.45 -9.03 -0.57
C PHE B 517 32.94 -8.79 -0.32
N LEU B 518 33.60 -9.80 0.22
CA LEU B 518 35.05 -9.70 0.37
C LEU B 518 35.68 -10.36 -0.87
N GLU B 519 36.02 -9.48 -1.79
CA GLU B 519 36.52 -9.84 -3.10
C GLU B 519 38.04 -9.98 -3.15
N ARG B 520 38.44 -11.23 -3.43
CA ARG B 520 39.86 -11.49 -3.65
C ARG B 520 40.73 -10.99 -2.49
N PRO B 521 40.44 -11.37 -1.25
CA PRO B 521 41.17 -10.80 -0.12
C PRO B 521 42.66 -11.11 -0.17
N ALA B 522 42.98 -12.26 -0.76
CA ALA B 522 44.36 -12.70 -0.86
C ALA B 522 45.12 -11.77 -1.81
N ASP B 523 44.44 -10.98 -2.63
CA ASP B 523 45.07 -10.02 -3.51
C ASP B 523 45.08 -8.62 -2.92
N LEU B 524 44.24 -8.45 -1.89
CA LEU B 524 43.89 -7.08 -1.49
C LEU B 524 44.97 -6.51 -0.61
N ARG B 525 45.52 -7.26 0.34
CA ARG B 525 46.61 -6.69 1.14
C ARG B 525 47.75 -6.18 0.27
N GLN B 526 48.12 -6.93 -0.76
CA GLN B 526 49.23 -6.64 -1.65
C GLN B 526 49.02 -5.27 -2.33
N ARG B 527 47.77 -4.89 -2.50
CA ARG B 527 47.41 -3.73 -3.28
C ARG B 527 47.18 -2.47 -2.47
N ILE B 528 47.35 -2.51 -1.17
CA ILE B 528 47.09 -1.34 -0.36
C ILE B 528 48.41 -0.62 -0.16
N SER B 529 48.43 0.64 -0.53
CA SER B 529 49.65 1.45 -0.40
C SER B 529 49.95 1.72 1.07
N GLN B 530 51.23 2.01 1.31
CA GLN B 530 51.65 2.28 2.69
C GLN B 530 50.92 3.53 3.16
N GLU B 531 50.71 4.47 2.22
CA GLU B 531 50.08 5.73 2.62
C GLU B 531 48.64 5.45 3.03
N ASP B 532 47.96 4.61 2.24
CA ASP B 532 46.59 4.28 2.59
C ASP B 532 46.50 3.51 3.90
N GLU B 533 47.41 2.58 4.15
CA GLU B 533 47.46 1.83 5.39
C GLU B 533 47.75 2.76 6.56
N ASP B 534 48.76 3.61 6.37
CA ASP B 534 49.10 4.49 7.49
C ASP B 534 47.93 5.44 7.81
N ASP B 535 47.26 5.97 6.80
CA ASP B 535 46.15 6.91 7.10
C ASP B 535 44.95 6.15 7.65
N PHE B 536 44.71 4.93 7.18
CA PHE B 536 43.63 4.13 7.77
C PHE B 536 43.83 3.97 9.27
N ASN B 537 45.05 3.61 9.66
CA ASN B 537 45.40 3.37 11.04
C ASN B 537 45.32 4.68 11.83
N ARG B 538 45.76 5.77 11.22
CA ARG B 538 45.69 7.08 11.90
C ARG B 538 44.25 7.42 12.28
N VAL B 539 43.37 7.32 11.27
CA VAL B 539 41.96 7.70 11.53
C VAL B 539 41.32 6.73 12.51
N CYS B 540 41.59 5.44 12.37
CA CYS B 540 41.08 4.50 13.34
C CYS B 540 41.62 4.78 14.73
N ASP B 541 42.90 5.17 14.86
CA ASP B 541 43.39 5.42 16.22
C ASP B 541 42.67 6.62 16.82
N GLU B 542 42.42 7.64 15.97
CA GLU B 542 41.67 8.78 16.47
C GLU B 542 40.25 8.44 16.82
N TRP B 543 39.58 7.66 15.96
CA TRP B 543 38.18 7.24 16.19
C TRP B 543 38.13 6.41 17.45
N ARG B 544 39.02 5.42 17.63
CA ARG B 544 38.95 4.61 18.85
C ARG B 544 39.19 5.41 20.12
N ALA B 545 40.01 6.45 20.03
CA ALA B 545 40.22 7.27 21.23
C ALA B 545 39.00 8.11 21.46
N TYR B 546 38.33 8.53 20.39
CA TYR B 546 37.15 9.37 20.57
C TYR B 546 36.00 8.54 21.13
N TRP B 547 35.71 7.40 20.57
CA TRP B 547 34.42 6.72 20.80
C TRP B 547 34.05 6.49 22.25
N PRO B 548 34.93 6.14 23.18
CA PRO B 548 34.47 5.95 24.58
C PRO B 548 33.94 7.23 25.18
N THR B 549 34.24 8.37 24.57
CA THR B 549 33.75 9.63 25.12
C THR B 549 32.41 10.06 24.51
N ASN B 550 31.95 9.32 23.50
CA ASN B 550 30.68 9.72 22.87
C ASN B 550 29.50 9.52 23.80
N PRO B 551 28.59 10.47 23.88
CA PRO B 551 27.45 10.28 24.80
C PRO B 551 26.28 9.42 24.32
N TYR B 552 26.29 9.02 23.05
CA TYR B 552 25.19 8.26 22.45
C TYR B 552 25.61 6.87 22.02
N PRO B 553 24.71 5.90 22.14
CA PRO B 553 24.97 4.55 21.65
C PRO B 553 24.79 4.49 20.15
N LYS B 554 25.37 3.43 19.60
CA LYS B 554 25.06 3.10 18.20
C LYS B 554 23.77 2.27 18.29
N ILE B 555 22.71 2.63 17.60
CA ILE B 555 21.45 1.87 17.81
C ILE B 555 21.08 1.05 16.58
N ASP B 556 21.93 1.08 15.55
CA ASP B 556 21.61 0.29 14.35
C ASP B 556 22.86 -0.39 13.78
N SER B 557 22.86 -0.75 12.49
CA SER B 557 23.97 -1.52 11.94
C SER B 557 25.24 -0.71 11.79
N GLY B 558 25.15 0.60 11.73
CA GLY B 558 26.27 1.51 11.49
C GLY B 558 26.34 1.97 10.07
N LEU B 559 25.51 1.47 9.17
CA LEU B 559 25.58 1.79 7.75
C LEU B 559 24.34 2.52 7.28
#